data_1DV1
#
_entry.id   1DV1
#
_cell.length_a   61.700
_cell.length_b   95.800
_cell.length_c   180.700
_cell.angle_alpha   90.00
_cell.angle_beta   90.00
_cell.angle_gamma   90.00
#
_symmetry.space_group_name_H-M   'P 21 21 21'
#
loop_
_entity.id
_entity.type
_entity.pdbx_description
1 polymer 'BIOTIN CARBOXYLASE'
2 non-polymer 'PHOSPHATE ION'
3 water water
#
_entity_poly.entity_id   1
_entity_poly.type   'polypeptide(L)'
_entity_poly.pdbx_seq_one_letter_code
;MLDKIVIANRGEIALRILRACKELGIKTVAVHSSADRDLKHVLLADETVCIGPAPSVKSYLNIPAIISAAEITGAVAIHP
GYGFLSENANFAEQVERSGFIFIGPKAETIRLMGDKVSAIAAMKKAGVPCVPGSDGPLGDDMDKNRAIAKRIGYPVIIKA
SGGGGGRGMRVVRGDAELAQSISMTRAEAKAAFSNDMVYMEKYLENPRHVEIQVLADGQGNAIYLAERDCSMQRRHQKVV
EEAPAPGITPELRRYIGERCAKACVDIGYRGAGTFEFLFENGEFYFIEMNTRIQVEHPVTEMITGVDLIKEQLRIAAGQP
LSIKQEEVHVRGHAVECRINAEDPNTFLPSPGKITRFHAPGGFGVRWESHIYAGYTVPPYYDSMIGKLICYGENRDVAIA
RMKNALQELIIDGIKTNVDLQIRIMNDENFQHGGTNIHYLEKKLGLQEK
;
_entity_poly.pdbx_strand_id   A,B
#
loop_
_chem_comp.id
_chem_comp.type
_chem_comp.name
_chem_comp.formula
PO4 non-polymer 'PHOSPHATE ION' 'O4 P -3'
#
# COMPACT_ATOMS: atom_id res chain seq x y z
N MET A 1 24.43 -8.39 4.91
C MET A 1 25.00 -7.75 6.15
N LEU A 2 25.03 -6.42 6.14
CA LEU A 2 25.47 -5.59 7.25
C LEU A 2 24.78 -6.02 8.56
N ASP A 3 25.59 -6.09 9.60
CA ASP A 3 25.18 -6.58 10.90
C ASP A 3 24.37 -5.67 11.77
N LYS A 4 24.83 -4.43 11.86
CA LYS A 4 24.20 -3.45 12.66
C LYS A 4 24.53 -2.11 12.07
N ILE A 5 23.60 -1.19 12.15
CA ILE A 5 23.84 0.14 11.66
C ILE A 5 23.22 1.14 12.62
N VAL A 6 23.76 2.30 12.47
CA VAL A 6 23.33 3.45 13.19
C VAL A 6 22.47 4.32 12.27
N ILE A 7 21.30 4.68 12.77
CA ILE A 7 20.38 5.53 12.05
C ILE A 7 20.67 6.92 12.50
N ALA A 8 21.44 7.65 11.69
CA ALA A 8 21.84 8.99 12.09
C ALA A 8 20.83 10.05 11.67
N ASN A 9 19.61 9.92 12.10
CA ASN A 9 18.55 10.84 11.77
C ASN A 9 17.46 10.73 12.85
N ARG A 10 16.31 11.35 12.60
CA ARG A 10 15.20 11.29 13.54
C ARG A 10 13.89 11.26 12.73
N GLY A 11 12.76 11.33 13.43
CA GLY A 11 11.48 11.45 12.78
C GLY A 11 11.07 10.35 11.86
N GLU A 12 10.27 10.74 10.86
CA GLU A 12 9.72 9.73 9.94
C GLU A 12 10.78 8.93 9.20
N ILE A 13 11.78 9.64 8.69
CA ILE A 13 12.80 8.97 7.92
C ILE A 13 13.50 7.98 8.79
N ALA A 14 13.68 8.29 10.07
CA ALA A 14 14.38 7.33 10.91
C ALA A 14 13.57 6.04 11.10
N LEU A 15 12.24 6.18 11.20
CA LEU A 15 11.38 5.03 11.32
C LEU A 15 11.41 4.27 9.98
N ARG A 16 11.38 5.02 8.87
CA ARG A 16 11.42 4.40 7.53
C ARG A 16 12.61 3.45 7.41
N ILE A 17 13.75 3.91 7.81
CA ILE A 17 14.94 3.14 7.74
C ILE A 17 14.93 1.96 8.66
N LEU A 18 14.47 2.19 9.86
CA LEU A 18 14.42 1.13 10.88
C LEU A 18 13.59 -0.04 10.38
N ARG A 19 12.44 0.25 9.71
CA ARG A 19 11.61 -0.85 9.18
C ARG A 19 12.38 -1.63 8.10
N ALA A 20 13.13 -0.92 7.25
CA ALA A 20 13.92 -1.57 6.22
C ALA A 20 14.98 -2.46 6.86
N CYS A 21 15.70 -1.97 7.92
CA CYS A 21 16.74 -2.81 8.56
C CYS A 21 16.06 -4.03 9.16
N LYS A 22 14.96 -3.84 9.84
CA LYS A 22 14.27 -4.98 10.40
C LYS A 22 13.92 -6.04 9.38
N GLU A 23 13.31 -5.65 8.27
CA GLU A 23 12.97 -6.64 7.26
C GLU A 23 14.19 -7.39 6.81
N LEU A 24 15.34 -6.72 6.84
CA LEU A 24 16.58 -7.31 6.34
C LEU A 24 17.36 -8.03 7.39
N GLY A 25 16.85 -7.97 8.58
CA GLY A 25 17.53 -8.61 9.67
C GLY A 25 18.70 -7.81 10.23
N ILE A 26 18.87 -6.56 9.80
CA ILE A 26 19.99 -5.74 10.27
C ILE A 26 19.73 -5.24 11.65
N LYS A 27 20.76 -5.16 12.52
CA LYS A 27 20.56 -4.64 13.89
C LYS A 27 20.57 -3.09 13.95
N THR A 28 19.66 -2.54 14.73
CA THR A 28 19.52 -1.13 14.80
C THR A 28 20.04 -0.42 16.05
N VAL A 29 20.68 0.71 15.79
CA VAL A 29 21.14 1.57 16.83
C VAL A 29 20.55 2.97 16.57
N ALA A 30 19.71 3.44 17.48
CA ALA A 30 19.09 4.73 17.32
C ALA A 30 19.82 5.78 18.15
N VAL A 31 20.32 6.83 17.48
CA VAL A 31 20.99 7.90 18.23
C VAL A 31 20.00 8.99 18.31
N HIS A 32 19.87 9.59 19.47
CA HIS A 32 18.90 10.64 19.58
C HIS A 32 19.37 11.71 20.48
N SER A 33 18.69 12.82 20.33
CA SER A 33 18.90 13.95 21.19
C SER A 33 18.07 13.67 22.46
N SER A 34 18.29 14.39 23.53
CA SER A 34 17.54 14.16 24.75
C SER A 34 16.02 14.47 24.55
N ALA A 35 15.71 15.40 23.65
CA ALA A 35 14.34 15.79 23.39
C ALA A 35 13.58 14.75 22.57
N ASP A 36 14.34 13.78 22.01
CA ASP A 36 13.83 12.74 21.11
C ASP A 36 13.78 11.36 21.71
N ARG A 37 13.69 11.35 23.02
CA ARG A 37 13.63 10.08 23.73
C ARG A 37 12.37 9.25 23.38
N ASP A 38 11.33 9.98 23.00
CA ASP A 38 10.05 9.40 22.73
C ASP A 38 9.65 9.12 21.33
N LEU A 39 10.62 9.27 20.44
CA LEU A 39 10.31 9.04 19.05
C LEU A 39 9.95 7.63 18.91
N LYS A 40 8.96 7.40 18.07
CA LYS A 40 8.54 6.05 17.81
C LYS A 40 9.71 5.13 17.43
N HIS A 41 10.65 5.54 16.55
CA HIS A 41 11.68 4.59 16.19
C HIS A 41 12.67 4.25 17.27
N VAL A 42 12.81 5.23 18.12
CA VAL A 42 13.74 5.07 19.20
C VAL A 42 13.21 3.98 20.12
N LEU A 43 11.90 4.03 20.33
CA LEU A 43 11.25 3.00 21.15
C LEU A 43 11.29 1.62 20.51
N LEU A 44 11.47 1.54 19.21
CA LEU A 44 11.47 0.24 18.60
C LEU A 44 12.85 -0.28 18.30
N ALA A 45 13.89 0.57 18.44
CA ALA A 45 15.22 0.16 18.08
C ALA A 45 15.83 -0.88 19.00
N ASP A 46 16.80 -1.62 18.49
CA ASP A 46 17.52 -2.67 19.24
C ASP A 46 18.44 -2.07 20.29
N GLU A 47 19.09 -0.96 19.91
CA GLU A 47 19.99 -0.19 20.76
C GLU A 47 19.72 1.29 20.60
N THR A 48 19.87 2.04 21.70
CA THR A 48 19.66 3.50 21.76
C THR A 48 20.83 4.19 22.44
N VAL A 49 21.11 5.43 22.09
CA VAL A 49 22.20 6.23 22.62
C VAL A 49 21.85 7.70 22.53
N CYS A 50 21.85 8.38 23.65
CA CYS A 50 21.53 9.78 23.65
C CYS A 50 22.81 10.49 23.29
N ILE A 51 22.80 11.23 22.19
CA ILE A 51 24.03 11.85 21.76
C ILE A 51 24.20 13.29 22.18
N GLY A 52 23.20 13.86 22.77
CA GLY A 52 23.37 15.24 23.13
C GLY A 52 22.03 15.79 23.53
N PRO A 53 22.02 17.05 23.86
CA PRO A 53 20.87 17.84 24.20
C PRO A 53 20.06 18.13 22.94
N ALA A 54 18.89 18.73 23.14
CA ALA A 54 17.96 19.05 22.05
C ALA A 54 18.48 19.54 20.68
N PRO A 55 19.01 20.75 20.69
CA PRO A 55 19.54 21.45 19.53
C PRO A 55 20.37 20.57 18.65
N SER A 56 20.06 20.67 17.37
CA SER A 56 20.73 19.84 16.43
C SER A 56 22.20 20.01 16.44
N VAL A 57 22.60 21.25 16.42
CA VAL A 57 24.02 21.60 16.39
C VAL A 57 24.75 20.79 17.44
N LYS A 58 24.00 20.51 18.51
CA LYS A 58 24.54 19.76 19.63
C LYS A 58 24.24 18.28 19.61
N SER A 59 23.35 17.81 18.75
CA SER A 59 23.10 16.40 18.80
C SER A 59 23.24 15.86 17.43
N TYR A 60 22.22 16.08 16.63
CA TYR A 60 22.19 15.59 15.24
C TYR A 60 23.33 16.04 14.35
N LEU A 61 23.82 17.24 14.55
CA LEU A 61 24.92 17.68 13.72
C LEU A 61 26.25 17.39 14.35
N ASN A 62 26.25 16.90 15.58
CA ASN A 62 27.50 16.61 16.27
C ASN A 62 28.25 15.32 15.81
N ILE A 63 29.14 15.50 14.84
CA ILE A 63 29.91 14.43 14.24
C ILE A 63 30.57 13.44 15.18
N PRO A 64 31.38 13.94 16.08
CA PRO A 64 32.07 13.08 17.00
C PRO A 64 31.11 12.33 17.90
N ALA A 65 29.97 12.91 18.22
CA ALA A 65 29.07 12.11 19.03
C ALA A 65 28.53 10.93 18.22
N ILE A 66 28.15 11.21 16.99
CA ILE A 66 27.62 10.14 16.19
C ILE A 66 28.57 9.00 16.02
N ILE A 67 29.82 9.31 15.70
CA ILE A 67 30.88 8.33 15.48
C ILE A 67 31.19 7.40 16.70
N SER A 68 31.22 8.04 17.85
CA SER A 68 31.42 7.36 19.11
C SER A 68 30.27 6.42 19.37
N ALA A 69 29.05 6.88 19.09
CA ALA A 69 27.93 5.96 19.30
C ALA A 69 28.11 4.69 18.46
N ALA A 70 28.72 4.84 17.30
CA ALA A 70 28.89 3.70 16.43
C ALA A 70 29.98 2.79 16.95
N GLU A 71 30.98 3.43 17.50
CA GLU A 71 32.06 2.59 17.97
C GLU A 71 31.67 1.69 19.09
N ILE A 72 31.05 2.30 20.09
CA ILE A 72 30.68 1.56 21.29
C ILE A 72 29.72 0.45 21.09
N THR A 73 28.83 0.57 20.09
CA THR A 73 27.78 -0.42 19.80
C THR A 73 28.29 -1.48 18.85
N GLY A 74 29.44 -1.17 18.26
CA GLY A 74 29.98 -2.13 17.32
C GLY A 74 29.25 -2.11 15.97
N ALA A 75 28.65 -0.98 15.62
CA ALA A 75 27.97 -0.84 14.32
C ALA A 75 29.02 -0.87 13.17
N VAL A 76 28.60 -1.31 11.96
CA VAL A 76 29.45 -1.39 10.75
C VAL A 76 29.20 -0.23 9.74
N ALA A 77 28.07 0.49 9.88
CA ALA A 77 27.68 1.54 8.98
C ALA A 77 26.76 2.49 9.62
N ILE A 78 26.71 3.63 8.96
CA ILE A 78 25.84 4.70 9.40
C ILE A 78 24.94 5.20 8.28
N HIS A 79 23.63 5.22 8.55
CA HIS A 79 22.66 5.77 7.56
C HIS A 79 22.32 7.22 7.89
N PRO A 80 22.74 8.17 7.06
CA PRO A 80 22.52 9.59 7.32
C PRO A 80 21.08 10.11 7.04
N GLY A 81 20.28 9.30 6.38
CA GLY A 81 18.91 9.75 6.05
C GLY A 81 18.98 10.86 5.01
N TYR A 82 18.14 11.87 5.21
CA TYR A 82 18.09 13.06 4.38
C TYR A 82 18.30 14.26 5.32
N GLY A 83 18.73 15.38 4.79
CA GLY A 83 18.99 16.53 5.62
C GLY A 83 20.17 16.22 6.54
N PHE A 84 20.23 16.97 7.64
CA PHE A 84 21.29 16.87 8.63
C PHE A 84 22.67 16.82 8.00
N LEU A 85 23.33 15.70 8.20
CA LEU A 85 24.68 15.49 7.67
C LEU A 85 24.74 14.66 6.41
N SER A 86 23.60 14.37 5.76
CA SER A 86 23.61 13.49 4.60
C SER A 86 24.45 13.93 3.42
N GLU A 87 24.54 15.24 3.26
CA GLU A 87 25.31 15.70 2.14
C GLU A 87 26.53 16.49 2.62
N ASN A 88 27.04 16.09 3.77
CA ASN A 88 28.18 16.75 4.37
C ASN A 88 29.38 15.86 4.16
N ALA A 89 30.23 16.28 3.20
CA ALA A 89 31.44 15.58 2.76
C ALA A 89 32.45 15.31 3.88
N ASN A 90 32.51 16.25 4.84
CA ASN A 90 33.41 16.07 5.95
C ASN A 90 32.95 14.88 6.77
N PHE A 91 31.64 14.86 6.96
CA PHE A 91 31.08 13.78 7.71
C PHE A 91 31.33 12.44 7.06
N ALA A 92 30.99 12.33 5.79
CA ALA A 92 31.16 11.09 5.07
C ALA A 92 32.58 10.60 5.13
N GLU A 93 33.45 11.59 5.02
CA GLU A 93 34.87 11.37 5.07
C GLU A 93 35.33 10.85 6.41
N GLN A 94 34.85 11.51 7.46
CA GLN A 94 35.21 11.07 8.79
C GLN A 94 34.67 9.72 9.13
N VAL A 95 33.47 9.44 8.66
CA VAL A 95 32.87 8.19 8.95
C VAL A 95 33.70 7.07 8.46
N GLU A 96 34.07 7.19 7.21
CA GLU A 96 34.88 6.15 6.61
C GLU A 96 36.28 6.04 7.21
N ARG A 97 36.89 7.18 7.39
CA ARG A 97 38.21 7.10 7.94
C ARG A 97 38.22 6.52 9.35
N SER A 98 37.06 6.62 9.99
CA SER A 98 36.95 6.08 11.32
C SER A 98 36.60 4.60 11.32
N GLY A 99 36.48 4.01 10.14
CA GLY A 99 36.18 2.58 10.09
C GLY A 99 34.71 2.24 9.95
N PHE A 100 33.88 3.15 9.45
CA PHE A 100 32.48 2.74 9.27
C PHE A 100 32.12 2.98 7.82
N ILE A 101 31.16 2.20 7.33
CA ILE A 101 30.69 2.36 5.96
C ILE A 101 29.67 3.46 5.94
N PHE A 102 29.83 4.40 5.03
CA PHE A 102 28.89 5.48 4.91
C PHE A 102 27.85 5.08 3.87
N ILE A 103 26.57 5.01 4.29
CA ILE A 103 25.48 4.64 3.39
C ILE A 103 25.07 5.83 2.53
N GLY A 104 25.85 6.00 1.47
CA GLY A 104 25.69 7.12 0.55
C GLY A 104 26.85 7.07 -0.44
N PRO A 105 27.04 8.10 -1.25
CA PRO A 105 28.11 8.08 -2.25
C PRO A 105 29.44 8.43 -1.57
N LYS A 106 30.53 8.37 -2.29
CA LYS A 106 31.81 8.72 -1.67
C LYS A 106 31.84 10.25 -1.42
N ALA A 107 32.65 10.66 -0.43
CA ALA A 107 32.81 12.07 -0.10
C ALA A 107 33.15 12.98 -1.29
N GLU A 108 34.03 12.47 -2.15
CA GLU A 108 34.47 13.21 -3.31
C GLU A 108 33.33 13.54 -4.24
N THR A 109 32.41 12.55 -4.38
CA THR A 109 31.23 12.73 -5.24
C THR A 109 30.33 13.80 -4.70
N ILE A 110 30.25 13.80 -3.34
CA ILE A 110 29.48 14.79 -2.63
C ILE A 110 30.09 16.14 -2.88
N ARG A 111 31.39 16.22 -2.77
CA ARG A 111 32.03 17.49 -3.04
C ARG A 111 31.81 18.02 -4.43
N LEU A 112 32.04 17.10 -5.36
CA LEU A 112 31.86 17.39 -6.74
C LEU A 112 30.44 17.93 -7.01
N MET A 113 29.42 17.17 -6.64
CA MET A 113 28.08 17.62 -6.95
C MET A 113 27.59 18.72 -6.09
N GLY A 114 28.29 18.93 -5.00
CA GLY A 114 27.97 19.95 -4.02
C GLY A 114 28.42 21.35 -4.43
N ASP A 115 29.21 21.45 -5.47
CA ASP A 115 29.67 22.72 -6.02
C ASP A 115 29.02 22.87 -7.40
N LYS A 116 28.10 23.84 -7.54
CA LYS A 116 27.34 24.12 -8.77
C LYS A 116 28.18 24.09 -10.05
N VAL A 117 29.25 24.85 -9.96
CA VAL A 117 30.21 24.97 -11.01
C VAL A 117 30.64 23.58 -11.46
N SER A 118 31.28 22.86 -10.53
CA SER A 118 31.77 21.51 -10.72
C SER A 118 30.70 20.55 -11.28
N ALA A 119 29.53 20.68 -10.67
CA ALA A 119 28.43 19.83 -11.05
C ALA A 119 28.03 20.02 -12.51
N ILE A 120 27.77 21.29 -12.86
CA ILE A 120 27.33 21.61 -14.20
C ILE A 120 28.38 21.12 -15.16
N ALA A 121 29.58 21.43 -14.73
CA ALA A 121 30.78 21.04 -15.44
C ALA A 121 30.75 19.55 -15.78
N ALA A 122 30.48 18.75 -14.77
CA ALA A 122 30.43 17.34 -14.90
C ALA A 122 29.27 16.84 -15.73
N MET A 123 28.12 17.48 -15.60
CA MET A 123 26.93 17.05 -16.36
C MET A 123 27.04 17.28 -17.86
N LYS A 124 27.57 18.46 -18.18
CA LYS A 124 27.75 18.84 -19.58
C LYS A 124 28.49 17.71 -20.30
N LYS A 125 29.54 17.26 -19.58
CA LYS A 125 30.46 16.19 -19.92
C LYS A 125 29.80 14.87 -20.28
N ALA A 126 28.93 14.47 -19.36
CA ALA A 126 28.19 13.23 -19.50
C ALA A 126 27.00 13.31 -20.44
N GLY A 127 26.77 14.51 -21.00
CA GLY A 127 25.66 14.74 -21.91
C GLY A 127 24.33 14.95 -21.22
N VAL A 128 24.38 15.45 -19.99
CA VAL A 128 23.16 15.76 -19.26
C VAL A 128 22.74 17.18 -19.67
N PRO A 129 21.51 17.37 -20.15
CA PRO A 129 21.10 18.68 -20.60
C PRO A 129 21.12 19.73 -19.49
N CYS A 130 21.78 20.82 -19.73
CA CYS A 130 21.89 21.92 -18.82
C CYS A 130 21.25 23.21 -19.40
N VAL A 131 21.13 24.24 -18.56
CA VAL A 131 20.58 25.49 -19.06
C VAL A 131 21.51 26.07 -20.11
N PRO A 132 20.98 26.39 -21.28
CA PRO A 132 21.83 26.96 -22.32
C PRO A 132 22.20 28.42 -21.99
N GLY A 133 23.35 28.83 -22.49
CA GLY A 133 23.85 30.17 -22.25
C GLY A 133 24.92 30.56 -23.26
N SER A 134 25.47 31.76 -23.06
CA SER A 134 26.50 32.28 -23.96
C SER A 134 27.84 31.59 -23.75
N ASP A 135 27.94 30.82 -22.66
CA ASP A 135 29.16 30.11 -22.32
C ASP A 135 30.36 31.01 -22.48
N GLY A 136 30.43 31.90 -21.47
CA GLY A 136 31.44 32.92 -21.38
C GLY A 136 30.81 34.32 -21.60
N PRO A 137 31.52 35.35 -21.18
CA PRO A 137 31.03 36.70 -21.32
C PRO A 137 30.71 37.15 -22.73
N LEU A 138 29.84 38.11 -22.76
CA LEU A 138 29.43 38.62 -24.03
C LEU A 138 30.38 39.73 -24.50
N GLY A 139 30.63 39.71 -25.82
CA GLY A 139 31.45 40.66 -26.53
C GLY A 139 30.62 41.86 -26.93
N ASP A 140 31.20 42.73 -27.76
CA ASP A 140 30.52 43.95 -28.19
C ASP A 140 30.05 43.91 -29.65
N ASP A 141 30.02 42.70 -30.21
CA ASP A 141 29.55 42.42 -31.56
C ASP A 141 28.08 41.97 -31.47
N MET A 142 27.16 42.89 -31.77
CA MET A 142 25.74 42.62 -31.74
C MET A 142 25.30 41.50 -32.66
N ASP A 143 26.02 41.35 -33.83
CA ASP A 143 25.76 40.34 -34.86
C ASP A 143 25.89 38.92 -34.29
N LYS A 144 26.95 38.74 -33.53
CA LYS A 144 27.16 37.45 -32.91
C LYS A 144 26.29 37.27 -31.65
N ASN A 145 26.05 38.35 -30.91
CA ASN A 145 25.19 38.32 -29.71
C ASN A 145 23.77 37.89 -30.05
N ARG A 146 23.24 38.47 -31.11
CA ARG A 146 21.93 38.07 -31.56
C ARG A 146 21.99 36.60 -32.01
N ALA A 147 23.11 36.23 -32.59
CA ALA A 147 23.31 34.89 -33.06
C ALA A 147 23.24 33.92 -31.86
N ILE A 148 23.91 34.28 -30.77
CA ILE A 148 23.87 33.48 -29.54
C ILE A 148 22.45 33.36 -28.99
N ALA A 149 21.77 34.49 -28.89
CA ALA A 149 20.41 34.53 -28.42
C ALA A 149 19.47 33.70 -29.30
N LYS A 150 19.71 33.73 -30.63
CA LYS A 150 18.90 32.97 -31.58
C LYS A 150 19.11 31.47 -31.37
N ARG A 151 20.35 31.17 -31.03
CA ARG A 151 20.81 29.83 -30.77
C ARG A 151 20.12 29.22 -29.52
N ILE A 152 20.15 29.98 -28.40
CA ILE A 152 19.54 29.61 -27.13
C ILE A 152 17.98 29.59 -27.27
N GLY A 153 17.39 30.59 -27.96
CA GLY A 153 15.93 30.71 -28.11
C GLY A 153 15.37 31.75 -27.06
N TYR A 154 14.70 32.82 -27.50
CA TYR A 154 14.14 33.79 -26.56
C TYR A 154 12.96 33.14 -25.84
N PRO A 155 12.66 33.62 -24.69
CA PRO A 155 13.34 34.71 -24.02
C PRO A 155 14.65 34.34 -23.37
N VAL A 156 15.45 35.36 -23.17
CA VAL A 156 16.70 35.18 -22.49
C VAL A 156 16.85 36.22 -21.41
N ILE A 157 17.87 36.01 -20.66
CA ILE A 157 18.12 36.95 -19.61
C ILE A 157 19.61 37.23 -19.68
N ILE A 158 19.95 38.50 -19.45
CA ILE A 158 21.33 38.96 -19.46
C ILE A 158 21.84 39.00 -18.03
N LYS A 159 22.85 38.24 -17.74
CA LYS A 159 23.29 38.27 -16.37
C LYS A 159 24.66 38.88 -16.26
N ALA A 160 24.86 39.68 -15.22
CA ALA A 160 26.20 40.23 -15.07
C ALA A 160 27.02 39.32 -14.17
N SER A 161 28.34 39.35 -14.36
CA SER A 161 29.25 38.50 -13.59
C SER A 161 29.38 38.97 -12.12
N MET A 169 14.86 44.19 -13.05
CA MET A 169 14.66 42.96 -13.81
C MET A 169 14.16 43.09 -15.26
N ARG A 170 15.03 42.57 -16.14
CA ARG A 170 14.83 42.56 -17.57
C ARG A 170 14.80 41.17 -18.23
N VAL A 171 13.73 41.02 -19.02
CA VAL A 171 13.51 39.84 -19.81
C VAL A 171 13.56 40.26 -21.26
N VAL A 172 14.55 39.71 -21.94
CA VAL A 172 14.71 39.98 -23.34
C VAL A 172 13.84 38.98 -24.07
N ARG A 173 12.95 39.51 -24.85
CA ARG A 173 12.06 38.68 -25.57
C ARG A 173 12.29 38.65 -27.03
N GLY A 174 13.13 39.54 -27.53
CA GLY A 174 13.41 39.55 -28.95
C GLY A 174 14.67 40.36 -29.21
N ASP A 175 15.06 40.47 -30.48
CA ASP A 175 16.24 41.20 -30.97
C ASP A 175 16.23 42.68 -30.69
N ALA A 176 15.05 43.32 -30.89
CA ALA A 176 14.82 44.74 -30.69
C ALA A 176 15.35 45.26 -29.35
N GLU A 177 15.25 44.47 -28.28
CA GLU A 177 15.71 44.90 -26.97
C GLU A 177 17.06 44.36 -26.52
N LEU A 178 17.62 43.40 -27.25
CA LEU A 178 18.89 42.75 -26.90
C LEU A 178 20.03 43.69 -26.62
N ALA A 179 20.36 44.49 -27.63
CA ALA A 179 21.46 45.45 -27.53
C ALA A 179 21.36 46.35 -26.29
N GLN A 180 20.18 46.94 -26.14
CA GLN A 180 19.91 47.85 -25.05
C GLN A 180 20.00 47.14 -23.70
N SER A 181 19.59 45.90 -23.63
CA SER A 181 19.65 45.25 -22.32
C SER A 181 21.05 44.89 -21.91
N ILE A 182 21.87 44.55 -22.91
CA ILE A 182 23.24 44.18 -22.66
C ILE A 182 24.06 45.36 -22.17
N SER A 183 23.88 46.50 -22.87
CA SER A 183 24.55 47.75 -22.57
C SER A 183 24.15 48.17 -21.17
N MET A 184 22.87 48.36 -21.01
CA MET A 184 22.24 48.70 -19.76
C MET A 184 22.72 47.79 -18.64
N THR A 185 22.99 46.51 -18.96
CA THR A 185 23.46 45.58 -17.93
C THR A 185 24.91 45.80 -17.48
N ARG A 186 25.71 46.22 -18.43
CA ARG A 186 27.10 46.58 -18.16
C ARG A 186 27.12 47.93 -17.45
N ALA A 187 26.38 48.93 -18.01
CA ALA A 187 26.32 50.28 -17.43
C ALA A 187 26.15 50.29 -15.91
N GLU A 188 25.39 49.27 -15.46
CA GLU A 188 25.04 49.03 -14.07
C GLU A 188 26.15 48.37 -13.29
N ALA A 189 26.61 47.20 -13.72
CA ALA A 189 27.76 46.53 -13.10
C ALA A 189 29.06 47.08 -13.74
N ASN A 195 33.37 41.09 -12.40
CA ASN A 195 33.82 42.40 -12.87
C ASN A 195 32.72 43.36 -13.37
N ASP A 196 32.68 43.49 -14.72
CA ASP A 196 31.74 44.31 -15.52
C ASP A 196 31.23 43.56 -16.73
N MET A 197 31.77 42.35 -16.92
CA MET A 197 31.39 41.46 -18.00
C MET A 197 30.00 40.89 -17.75
N VAL A 198 29.31 40.54 -18.84
CA VAL A 198 27.95 40.01 -18.76
C VAL A 198 27.80 38.73 -19.54
N TYR A 199 26.79 37.96 -19.18
CA TYR A 199 26.53 36.71 -19.86
C TYR A 199 25.07 36.50 -20.14
N MET A 200 24.82 35.66 -21.10
CA MET A 200 23.46 35.42 -21.51
C MET A 200 23.02 34.04 -21.09
N GLU A 201 21.77 33.90 -20.70
CA GLU A 201 21.21 32.60 -20.32
C GLU A 201 19.79 32.44 -20.79
N LYS A 202 19.39 31.20 -21.12
CA LYS A 202 18.02 30.91 -21.56
C LYS A 202 17.08 31.18 -20.42
N TYR A 203 15.96 31.83 -20.75
CA TYR A 203 14.95 32.18 -19.75
C TYR A 203 13.86 31.13 -19.72
N LEU A 204 13.65 30.62 -18.50
CA LEU A 204 12.64 29.58 -18.29
C LEU A 204 11.47 30.11 -17.48
N GLU A 205 10.47 30.65 -18.16
CA GLU A 205 9.32 31.30 -17.58
C GLU A 205 8.34 30.43 -16.82
N ASN A 206 7.94 29.29 -17.38
CA ASN A 206 6.92 28.44 -16.75
C ASN A 206 7.29 26.97 -16.80
N PRO A 207 8.30 26.61 -16.02
CA PRO A 207 8.77 25.26 -16.01
C PRO A 207 8.11 24.47 -14.93
N ARG A 208 8.21 23.18 -15.07
CA ARG A 208 7.75 22.28 -14.06
C ARG A 208 9.04 21.71 -13.43
N HIS A 209 8.93 21.09 -12.27
CA HIS A 209 10.08 20.50 -11.64
C HIS A 209 9.97 19.00 -11.73
N VAL A 210 10.80 18.39 -12.60
CA VAL A 210 10.81 16.97 -12.82
C VAL A 210 12.17 16.44 -12.42
N GLU A 211 12.18 15.43 -11.57
CA GLU A 211 13.40 14.85 -11.06
C GLU A 211 13.49 13.38 -11.33
N ILE A 212 14.73 12.94 -11.64
CA ILE A 212 14.94 11.55 -11.99
C ILE A 212 15.69 10.79 -10.89
N GLN A 213 15.05 9.67 -10.47
CA GLN A 213 15.54 8.76 -9.43
C GLN A 213 16.50 7.73 -9.97
N VAL A 214 17.70 7.70 -9.39
CA VAL A 214 18.69 6.72 -9.81
C VAL A 214 19.20 5.88 -8.65
N LEU A 215 19.74 4.76 -8.98
CA LEU A 215 20.44 3.88 -8.07
C LEU A 215 21.72 3.41 -8.80
N ALA A 216 22.86 3.49 -8.10
CA ALA A 216 24.15 3.07 -8.66
C ALA A 216 24.85 2.18 -7.65
N ASP A 217 25.44 1.04 -8.07
CA ASP A 217 26.11 0.15 -7.12
C ASP A 217 27.57 0.48 -6.85
N GLY A 218 28.11 1.47 -7.52
CA GLY A 218 29.50 1.74 -7.25
C GLY A 218 30.42 0.75 -7.97
N GLN A 219 29.83 -0.09 -8.84
CA GLN A 219 30.55 -1.09 -9.64
C GLN A 219 30.24 -1.06 -11.15
N GLY A 220 29.88 0.10 -11.70
CA GLY A 220 29.57 0.21 -13.11
C GLY A 220 28.11 0.10 -13.54
N ASN A 221 27.21 -0.27 -12.59
CA ASN A 221 25.76 -0.43 -12.82
C ASN A 221 24.95 0.68 -12.22
N ALA A 222 24.01 1.12 -13.03
CA ALA A 222 23.17 2.20 -12.56
C ALA A 222 21.88 2.10 -13.30
N ILE A 223 20.76 2.43 -12.68
CA ILE A 223 19.47 2.37 -13.38
C ILE A 223 18.69 3.60 -12.95
N TYR A 224 17.72 4.00 -13.77
CA TYR A 224 16.85 5.13 -13.54
C TYR A 224 15.52 4.51 -13.20
N LEU A 225 14.83 5.09 -12.23
CA LEU A 225 13.51 4.59 -11.83
C LEU A 225 12.40 5.61 -12.05
N ALA A 226 12.12 5.88 -13.32
CA ALA A 226 11.12 6.84 -13.76
C ALA A 226 11.35 8.20 -13.12
N GLU A 227 10.36 9.06 -13.02
CA GLU A 227 10.61 10.39 -12.50
C GLU A 227 9.52 10.78 -11.57
N ARG A 228 9.71 11.95 -10.95
CA ARG A 228 8.67 12.49 -10.06
C ARG A 228 8.38 13.97 -10.40
N ASP A 229 7.10 14.38 -10.37
CA ASP A 229 6.79 15.79 -10.57
C ASP A 229 6.66 16.47 -9.17
N CYS A 230 7.50 17.47 -8.89
CA CYS A 230 7.43 18.13 -7.61
C CYS A 230 7.16 19.63 -7.76
N SER A 231 6.34 19.97 -8.74
CA SER A 231 6.09 21.37 -9.02
C SER A 231 5.30 22.16 -8.00
N MET A 232 4.48 21.50 -7.17
CA MET A 232 3.73 22.26 -6.13
C MET A 232 4.65 22.71 -5.01
N GLN A 233 5.10 23.92 -5.04
CA GLN A 233 5.96 24.33 -3.99
C GLN A 233 5.57 25.62 -3.43
N ARG A 234 5.99 25.81 -2.19
CA ARG A 234 5.70 27.01 -1.50
C ARG A 234 6.97 27.54 -0.99
N ARG A 235 7.30 28.73 -1.49
CA ARG A 235 8.52 29.37 -1.07
C ARG A 235 9.67 28.43 -1.23
N HIS A 236 9.63 27.80 -2.38
CA HIS A 236 10.66 26.88 -2.75
C HIS A 236 10.68 25.57 -1.98
N GLN A 237 9.64 25.32 -1.19
CA GLN A 237 9.51 24.07 -0.48
C GLN A 237 8.44 23.16 -1.07
N LYS A 238 8.85 21.88 -1.25
CA LYS A 238 7.97 20.88 -1.82
C LYS A 238 6.79 20.60 -0.93
N VAL A 239 5.58 20.63 -1.49
CA VAL A 239 4.36 20.40 -0.72
C VAL A 239 3.68 19.07 -1.08
N VAL A 240 3.60 18.80 -2.40
CA VAL A 240 3.00 17.58 -2.99
C VAL A 240 3.95 17.06 -4.05
N GLU A 241 4.09 15.73 -4.12
CA GLU A 241 4.93 15.11 -5.15
C GLU A 241 4.11 14.02 -5.83
N GLU A 242 4.38 13.68 -7.09
CA GLU A 242 3.65 12.57 -7.76
C GLU A 242 4.56 11.86 -8.75
N ALA A 243 4.22 10.62 -9.06
CA ALA A 243 4.97 9.86 -10.03
C ALA A 243 3.99 8.96 -10.71
N PRO A 244 4.08 8.80 -12.03
CA PRO A 244 5.11 9.40 -12.86
C PRO A 244 4.76 10.84 -13.12
N ALA A 245 5.59 11.55 -13.89
CA ALA A 245 5.25 12.95 -14.19
C ALA A 245 4.23 13.00 -15.33
N PRO A 246 3.11 13.71 -15.20
CA PRO A 246 2.17 13.74 -16.31
C PRO A 246 2.79 14.39 -17.54
N GLY A 247 2.46 13.86 -18.72
CA GLY A 247 2.93 14.37 -19.99
C GLY A 247 4.31 13.88 -20.39
N ILE A 248 4.87 12.97 -19.61
CA ILE A 248 6.19 12.46 -19.93
C ILE A 248 5.96 11.14 -20.66
N THR A 249 6.46 11.04 -21.90
CA THR A 249 6.31 9.86 -22.72
C THR A 249 7.35 8.84 -22.33
N PRO A 250 7.17 7.62 -22.82
CA PRO A 250 8.14 6.59 -22.54
C PRO A 250 9.48 6.96 -23.24
N GLU A 251 9.35 7.65 -24.38
CA GLU A 251 10.52 8.09 -25.14
C GLU A 251 11.35 9.16 -24.43
N LEU A 252 10.65 10.19 -24.00
CA LEU A 252 11.26 11.25 -23.24
C LEU A 252 11.88 10.69 -21.93
N ARG A 253 11.19 9.73 -21.29
CA ARG A 253 11.63 9.04 -20.07
C ARG A 253 12.95 8.26 -20.24
N ARG A 254 12.99 7.51 -21.34
CA ARG A 254 14.15 6.76 -21.70
C ARG A 254 15.27 7.71 -22.04
N TYR A 255 14.98 8.73 -22.84
CA TYR A 255 16.03 9.69 -23.18
C TYR A 255 16.72 10.29 -21.95
N ILE A 256 16.01 10.91 -21.01
CA ILE A 256 16.68 11.53 -19.85
C ILE A 256 17.23 10.48 -18.85
N GLY A 257 16.50 9.40 -18.72
CA GLY A 257 16.87 8.33 -17.81
C GLY A 257 18.23 7.81 -18.16
N GLU A 258 18.41 7.47 -19.44
CA GLU A 258 19.71 6.96 -19.96
C GLU A 258 20.84 7.94 -19.74
N ARG A 259 20.53 9.22 -19.96
CA ARG A 259 21.52 10.23 -19.73
C ARG A 259 21.95 10.26 -18.29
N CYS A 260 20.97 10.20 -17.43
CA CYS A 260 21.31 10.22 -16.02
C CYS A 260 22.06 8.95 -15.60
N ALA A 261 21.70 7.78 -16.12
CA ALA A 261 22.45 6.61 -15.69
C ALA A 261 23.88 6.74 -16.17
N LYS A 262 24.06 7.33 -17.34
CA LYS A 262 25.40 7.47 -17.83
C LYS A 262 26.28 8.36 -16.95
N ALA A 263 25.70 9.46 -16.53
CA ALA A 263 26.38 10.41 -15.66
C ALA A 263 26.80 9.70 -14.40
N CYS A 264 26.00 8.75 -13.96
CA CYS A 264 26.35 8.03 -12.76
C CYS A 264 27.65 7.27 -12.91
N VAL A 265 27.70 6.55 -13.99
CA VAL A 265 28.87 5.77 -14.21
C VAL A 265 30.03 6.65 -14.36
N ASP A 266 29.81 7.65 -15.16
CA ASP A 266 30.85 8.60 -15.40
C ASP A 266 31.51 9.17 -14.16
N ILE A 267 30.71 9.57 -13.16
CA ILE A 267 31.21 10.16 -11.90
C ILE A 267 31.51 9.13 -10.82
N GLY A 268 31.16 7.88 -11.11
CA GLY A 268 31.38 6.81 -10.16
C GLY A 268 30.48 6.91 -8.94
N TYR A 269 29.23 7.24 -9.19
CA TYR A 269 28.25 7.40 -8.16
C TYR A 269 27.95 6.10 -7.45
N ARG A 270 27.71 6.16 -6.13
CA ARG A 270 27.36 4.97 -5.37
C ARG A 270 26.17 5.27 -4.44
N GLY A 271 25.11 4.48 -4.56
CA GLY A 271 23.91 4.64 -3.76
C GLY A 271 22.70 5.22 -4.51
N ALA A 272 21.72 5.73 -3.72
CA ALA A 272 20.54 6.39 -4.27
C ALA A 272 20.89 7.87 -4.50
N GLY A 273 20.34 8.48 -5.57
CA GLY A 273 20.58 9.88 -5.84
C GLY A 273 19.49 10.35 -6.75
N THR A 274 19.33 11.66 -6.83
CA THR A 274 18.31 12.22 -7.69
C THR A 274 18.86 13.37 -8.50
N PHE A 275 18.46 13.39 -9.77
CA PHE A 275 18.82 14.50 -10.66
C PHE A 275 17.60 15.31 -10.79
N GLU A 276 17.66 16.58 -10.36
CA GLU A 276 16.50 17.47 -10.50
C GLU A 276 16.66 18.33 -11.72
N PHE A 277 15.55 18.52 -12.45
CA PHE A 277 15.52 19.32 -13.65
C PHE A 277 14.37 20.25 -13.69
N LEU A 278 14.50 21.27 -14.55
CA LEU A 278 13.40 22.15 -14.90
C LEU A 278 12.93 21.57 -16.23
N PHE A 279 11.63 21.47 -16.42
CA PHE A 279 11.11 20.90 -17.64
C PHE A 279 10.21 21.93 -18.29
N GLU A 280 10.46 22.27 -19.54
CA GLU A 280 9.66 23.26 -20.24
C GLU A 280 9.65 22.97 -21.70
N ASN A 281 8.48 23.07 -22.35
CA ASN A 281 8.44 22.84 -23.78
C ASN A 281 9.18 21.62 -24.29
N GLY A 282 8.95 20.51 -23.60
CA GLY A 282 9.50 19.23 -23.94
C GLY A 282 10.97 19.08 -23.62
N GLU A 283 11.58 20.04 -22.94
CA GLU A 283 13.01 19.93 -22.67
C GLU A 283 13.34 19.90 -21.20
N PHE A 284 14.42 19.23 -20.90
CA PHE A 284 14.96 19.11 -19.57
C PHE A 284 16.18 20.01 -19.42
N TYR A 285 16.31 20.63 -18.26
CA TYR A 285 17.41 21.49 -17.95
C TYR A 285 17.82 21.24 -16.53
N PHE A 286 19.00 20.74 -16.38
CA PHE A 286 19.56 20.35 -15.11
C PHE A 286 19.69 21.44 -14.13
N ILE A 287 19.29 21.13 -12.90
CA ILE A 287 19.34 22.12 -11.82
C ILE A 287 20.31 21.59 -10.82
N GLU A 288 20.01 20.37 -10.34
CA GLU A 288 20.92 19.82 -9.35
C GLU A 288 20.71 18.37 -9.10
N MET A 289 21.71 17.81 -8.41
CA MET A 289 21.74 16.43 -7.99
C MET A 289 21.76 16.29 -6.47
N ASN A 290 20.74 15.61 -5.92
CA ASN A 290 20.68 15.34 -4.47
C ASN A 290 21.40 14.03 -4.24
N THR A 291 22.53 14.09 -3.49
CA THR A 291 23.38 12.92 -3.27
C THR A 291 22.97 12.12 -2.05
N ARG A 292 21.68 11.75 -2.05
CA ARG A 292 21.05 11.03 -0.96
C ARG A 292 19.63 10.63 -1.34
N ILE A 293 19.00 9.89 -0.44
CA ILE A 293 17.58 9.56 -0.59
C ILE A 293 16.78 10.88 -0.41
N GLN A 294 15.60 10.99 -0.97
CA GLN A 294 14.82 12.21 -0.80
C GLN A 294 13.58 11.93 0.02
N VAL A 295 13.01 12.97 0.61
CA VAL A 295 11.79 12.86 1.40
C VAL A 295 10.73 12.09 0.61
N GLU A 296 10.60 12.47 -0.68
CA GLU A 296 9.52 11.95 -1.57
C GLU A 296 9.76 10.62 -2.24
N HIS A 297 10.78 9.89 -1.83
CA HIS A 297 11.00 8.60 -2.43
C HIS A 297 9.82 7.60 -2.44
N PRO A 298 8.89 7.63 -1.49
CA PRO A 298 7.88 6.60 -1.54
C PRO A 298 7.04 6.60 -2.78
N VAL A 299 6.74 7.78 -3.41
CA VAL A 299 5.86 7.73 -4.60
C VAL A 299 6.54 6.86 -5.72
N THR A 300 7.86 6.87 -5.80
CA THR A 300 8.57 6.02 -6.75
C THR A 300 8.41 4.54 -6.40
N GLU A 301 8.52 4.25 -5.14
CA GLU A 301 8.36 2.87 -4.70
C GLU A 301 6.99 2.28 -5.06
N MET A 302 5.93 3.09 -5.05
CA MET A 302 4.59 2.63 -5.33
C MET A 302 4.41 2.19 -6.75
N ILE A 303 4.91 3.03 -7.64
CA ILE A 303 4.71 2.78 -9.03
C ILE A 303 5.71 1.82 -9.62
N THR A 304 6.82 1.57 -8.93
CA THR A 304 7.77 0.64 -9.51
C THR A 304 7.83 -0.63 -8.75
N GLY A 305 7.42 -0.51 -7.50
CA GLY A 305 7.43 -1.62 -6.56
C GLY A 305 8.81 -1.87 -5.93
N VAL A 306 9.80 -1.03 -6.19
CA VAL A 306 11.11 -1.22 -5.62
C VAL A 306 11.28 -0.52 -4.29
N ASP A 307 11.84 -1.24 -3.28
CA ASP A 307 12.10 -0.68 -1.98
C ASP A 307 13.46 -0.01 -2.02
N LEU A 308 13.43 1.27 -2.16
CA LEU A 308 14.64 2.03 -2.30
C LEU A 308 15.49 2.00 -1.10
N ILE A 309 14.89 1.93 0.07
CA ILE A 309 15.76 1.96 1.25
C ILE A 309 16.49 0.66 1.37
N LYS A 310 15.83 -0.47 1.07
CA LYS A 310 16.52 -1.75 1.12
C LYS A 310 17.66 -1.80 0.10
N GLU A 311 17.45 -1.27 -1.11
CA GLU A 311 18.51 -1.27 -2.09
C GLU A 311 19.71 -0.45 -1.63
N GLN A 312 19.48 0.64 -0.95
CA GLN A 312 20.59 1.42 -0.44
C GLN A 312 21.42 0.58 0.48
N LEU A 313 20.76 -0.31 1.26
CA LEU A 313 21.45 -1.20 2.21
C LEU A 313 22.15 -2.38 1.51
N ARG A 314 21.54 -2.86 0.46
CA ARG A 314 22.16 -3.92 -0.29
C ARG A 314 23.45 -3.38 -0.93
N ILE A 315 23.31 -2.25 -1.54
CA ILE A 315 24.43 -1.61 -2.17
C ILE A 315 25.52 -1.37 -1.14
N ALA A 316 25.16 -0.83 -0.01
CA ALA A 316 26.19 -0.56 0.98
C ALA A 316 26.89 -1.85 1.43
N ALA A 317 26.17 -2.99 1.35
CA ALA A 317 26.71 -4.25 1.77
C ALA A 317 27.66 -4.79 0.71
N GLY A 318 27.74 -4.09 -0.41
CA GLY A 318 28.59 -4.50 -1.53
C GLY A 318 27.86 -5.28 -2.63
N GLN A 319 26.56 -5.43 -2.51
CA GLN A 319 25.89 -6.16 -3.56
C GLN A 319 25.74 -5.31 -4.78
N PRO A 320 25.80 -5.90 -5.92
CA PRO A 320 25.60 -5.06 -7.07
C PRO A 320 24.10 -5.03 -7.23
N LEU A 321 23.66 -4.15 -8.10
CA LEU A 321 22.27 -3.98 -8.40
C LEU A 321 21.60 -5.33 -8.71
N SER A 322 20.40 -5.49 -8.13
CA SER A 322 19.54 -6.64 -8.28
C SER A 322 18.59 -6.50 -9.44
N ILE A 323 18.25 -5.27 -9.67
CA ILE A 323 17.36 -4.94 -10.75
C ILE A 323 18.13 -4.54 -12.00
N LYS A 324 17.58 -4.95 -13.13
CA LYS A 324 18.09 -4.58 -14.41
C LYS A 324 17.06 -3.59 -14.96
N GLN A 325 17.53 -2.64 -15.72
CA GLN A 325 16.66 -1.65 -16.32
C GLN A 325 15.42 -2.22 -16.99
N GLU A 326 15.60 -3.35 -17.67
CA GLU A 326 14.51 -4.02 -18.38
C GLU A 326 13.42 -4.50 -17.45
N GLU A 327 13.82 -4.66 -16.20
CA GLU A 327 12.89 -5.10 -15.18
C GLU A 327 12.16 -3.99 -14.48
N VAL A 328 12.49 -2.74 -14.79
CA VAL A 328 11.85 -1.60 -14.18
C VAL A 328 10.58 -1.25 -14.90
N HIS A 329 9.43 -1.40 -14.20
CA HIS A 329 8.17 -1.06 -14.84
C HIS A 329 7.37 -0.04 -14.08
N VAL A 330 6.82 0.87 -14.86
CA VAL A 330 5.95 1.90 -14.37
C VAL A 330 4.53 1.40 -14.39
N ARG A 331 3.94 1.33 -13.20
CA ARG A 331 2.58 0.92 -13.09
C ARG A 331 1.83 1.79 -12.08
N GLY A 332 0.70 2.33 -12.57
CA GLY A 332 -0.22 3.15 -11.81
C GLY A 332 0.33 4.54 -11.57
N HIS A 333 -0.19 5.16 -10.52
CA HIS A 333 0.19 6.54 -10.24
C HIS A 333 0.19 6.67 -8.74
N ALA A 334 1.09 7.54 -8.22
CA ALA A 334 1.16 7.77 -6.78
C ALA A 334 1.28 9.25 -6.48
N VAL A 335 0.56 9.67 -5.44
CA VAL A 335 0.59 11.05 -5.00
C VAL A 335 0.96 11.13 -3.52
N GLU A 336 1.84 12.09 -3.16
CA GLU A 336 2.25 12.24 -1.81
C GLU A 336 1.92 13.63 -1.27
N CYS A 337 1.30 13.69 -0.11
CA CYS A 337 1.05 14.99 0.53
C CYS A 337 1.91 15.05 1.76
N ARG A 338 2.77 16.07 1.92
CA ARG A 338 3.58 16.13 3.15
C ARG A 338 2.67 16.74 4.16
N ILE A 339 2.75 16.24 5.37
CA ILE A 339 1.93 16.81 6.44
C ILE A 339 2.86 17.51 7.43
N ASN A 340 2.57 18.77 7.72
CA ASN A 340 3.44 19.54 8.61
C ASN A 340 2.63 20.16 9.72
N ALA A 341 3.34 20.36 10.83
CA ALA A 341 2.80 21.05 12.03
C ALA A 341 3.33 22.48 11.87
N GLU A 342 2.51 23.35 11.27
CA GLU A 342 3.08 24.64 11.06
C GLU A 342 2.07 25.76 11.23
N ASP A 343 2.62 26.96 11.46
CA ASP A 343 1.88 28.20 11.47
C ASP A 343 1.49 28.55 10.01
N PRO A 344 0.18 28.65 9.80
CA PRO A 344 -0.38 28.92 8.48
C PRO A 344 0.00 30.26 7.89
N ASN A 345 0.51 31.18 8.70
CA ASN A 345 0.86 32.48 8.19
C ASN A 345 2.31 32.59 8.00
N THR A 346 3.01 32.08 8.99
CA THR A 346 4.44 32.12 8.89
C THR A 346 5.03 30.81 8.41
N PHE A 347 4.31 29.68 8.51
CA PHE A 347 4.90 28.43 8.07
C PHE A 347 5.98 27.89 9.04
N LEU A 348 6.09 28.50 10.18
CA LEU A 348 7.09 27.97 11.08
C LEU A 348 6.45 26.83 11.86
N PRO A 349 7.33 25.98 12.45
CA PRO A 349 6.82 24.89 13.24
C PRO A 349 5.83 25.41 14.26
N SER A 350 4.96 24.53 14.62
CA SER A 350 3.92 24.83 15.52
C SER A 350 3.83 23.60 16.39
N PRO A 351 4.72 23.60 17.37
CA PRO A 351 4.95 22.57 18.36
C PRO A 351 3.84 22.38 19.38
N GLY A 352 3.92 21.20 20.03
CA GLY A 352 2.92 20.85 21.03
C GLY A 352 2.52 19.37 21.07
N LYS A 353 1.57 19.11 22.00
CA LYS A 353 0.99 17.81 22.28
C LYS A 353 -0.23 17.44 21.44
N ILE A 354 -0.10 16.27 20.82
CA ILE A 354 -1.11 15.75 19.96
C ILE A 354 -2.07 15.03 20.87
N THR A 355 -3.26 15.57 20.95
CA THR A 355 -4.27 15.04 21.86
C THR A 355 -5.07 13.82 21.36
N ARG A 356 -5.42 13.86 20.10
CA ARG A 356 -6.16 12.79 19.51
C ARG A 356 -5.54 12.59 18.15
N PHE A 357 -5.33 11.32 17.76
CA PHE A 357 -4.73 10.95 16.49
C PHE A 357 -5.36 9.76 15.81
N HIS A 358 -5.69 9.94 14.54
CA HIS A 358 -6.22 8.82 13.84
C HIS A 358 -5.61 8.77 12.42
N ALA A 359 -5.02 7.64 12.05
CA ALA A 359 -4.48 7.52 10.71
C ALA A 359 -5.48 6.94 9.71
N PRO A 360 -5.41 7.37 8.47
CA PRO A 360 -6.28 6.83 7.42
C PRO A 360 -5.78 5.43 6.98
N GLY A 361 -6.61 4.59 6.42
CA GLY A 361 -6.21 3.26 5.98
C GLY A 361 -6.95 2.96 4.66
N GLY A 362 -6.86 1.73 4.19
CA GLY A 362 -7.55 1.42 2.95
C GLY A 362 -6.59 0.97 1.88
N PHE A 363 -7.18 0.50 0.80
CA PHE A 363 -6.45 0.01 -0.37
C PHE A 363 -5.72 1.15 -1.05
N GLY A 364 -4.42 0.99 -1.21
CA GLY A 364 -3.57 1.94 -1.88
C GLY A 364 -3.22 3.11 -1.01
N VAL A 365 -3.45 2.98 0.32
CA VAL A 365 -3.16 4.09 1.24
C VAL A 365 -1.92 3.75 2.09
N ARG A 366 -0.87 4.63 2.01
CA ARG A 366 0.36 4.42 2.78
C ARG A 366 0.67 5.63 3.64
N TRP A 367 0.88 5.41 4.91
CA TRP A 367 1.12 6.47 5.86
C TRP A 367 2.48 6.26 6.47
N GLU A 368 3.32 7.30 6.34
CA GLU A 368 4.70 7.33 6.85
C GLU A 368 4.85 8.40 7.91
N SER A 369 4.83 8.00 9.17
CA SER A 369 4.92 9.00 10.23
C SER A 369 5.26 8.36 11.53
N HIS A 370 6.05 9.05 12.36
CA HIS A 370 6.39 8.55 13.71
C HIS A 370 5.40 9.02 14.78
N ILE A 371 4.48 9.94 14.42
CA ILE A 371 3.58 10.51 15.41
C ILE A 371 2.58 9.56 15.94
N TYR A 372 2.09 9.89 17.14
CA TYR A 372 1.08 9.12 17.85
C TYR A 372 0.38 9.94 18.91
N ALA A 373 -0.83 9.50 19.29
CA ALA A 373 -1.59 10.21 20.35
C ALA A 373 -0.73 10.35 21.63
N GLY A 374 -0.63 11.58 22.10
CA GLY A 374 0.12 11.81 23.30
C GLY A 374 1.53 12.21 23.03
N TYR A 375 1.89 12.07 21.77
CA TYR A 375 3.22 12.48 21.38
C TYR A 375 3.32 14.02 21.26
N THR A 376 4.45 14.59 21.75
CA THR A 376 4.72 16.03 21.70
C THR A 376 5.68 16.47 20.60
N VAL A 377 5.22 17.36 19.75
CA VAL A 377 6.03 17.88 18.70
C VAL A 377 6.90 18.95 19.25
N PRO A 378 8.23 18.70 19.20
CA PRO A 378 9.25 19.59 19.70
C PRO A 378 9.41 20.80 18.80
N PRO A 379 9.85 21.90 19.38
CA PRO A 379 10.02 23.11 18.65
C PRO A 379 11.35 23.16 17.93
N TYR A 380 12.28 22.26 18.34
CA TYR A 380 13.64 22.26 17.83
C TYR A 380 13.93 21.97 16.38
N TYR A 381 13.11 21.18 15.71
CA TYR A 381 13.44 20.84 14.35
C TYR A 381 12.55 21.47 13.32
N ASP A 382 12.28 20.67 12.28
CA ASP A 382 11.45 21.05 11.17
C ASP A 382 9.96 20.81 11.50
N SER A 383 9.07 21.20 10.61
CA SER A 383 7.68 21.05 10.88
C SER A 383 7.11 19.76 10.33
N MET A 384 7.89 18.99 9.57
CA MET A 384 7.32 17.76 8.98
C MET A 384 7.00 16.68 9.98
N ILE A 385 5.74 16.27 10.03
CA ILE A 385 5.42 15.20 10.97
C ILE A 385 4.91 13.88 10.32
N GLY A 386 4.63 13.93 9.01
CA GLY A 386 4.15 12.75 8.33
C GLY A 386 4.05 12.89 6.81
N LYS A 387 3.86 11.75 6.15
CA LYS A 387 3.69 11.72 4.70
C LYS A 387 2.59 10.76 4.33
N LEU A 388 1.66 11.27 3.58
CA LEU A 388 0.56 10.42 3.21
C LEU A 388 0.72 10.18 1.70
N ILE A 389 0.71 8.92 1.33
CA ILE A 389 0.86 8.56 -0.07
C ILE A 389 -0.28 7.67 -0.47
N CYS A 390 -0.95 7.99 -1.60
CA CYS A 390 -2.04 7.14 -2.14
C CYS A 390 -1.63 6.75 -3.50
N TYR A 391 -1.96 5.54 -3.83
CA TYR A 391 -1.68 4.96 -5.14
C TYR A 391 -3.00 4.52 -5.84
N GLY A 392 -3.01 4.57 -7.18
CA GLY A 392 -4.12 4.12 -7.97
C GLY A 392 -3.67 3.61 -9.32
N GLU A 393 -4.57 2.89 -9.99
CA GLU A 393 -4.28 2.39 -11.29
C GLU A 393 -4.11 3.56 -12.22
N ASN A 394 -4.58 4.72 -11.77
CA ASN A 394 -4.40 5.92 -12.57
C ASN A 394 -4.35 7.12 -11.73
N ARG A 395 -3.99 8.22 -12.34
CA ARG A 395 -3.88 9.43 -11.56
C ARG A 395 -5.17 9.85 -10.88
N ASP A 396 -6.25 9.71 -11.59
CA ASP A 396 -7.52 10.11 -11.03
C ASP A 396 -7.86 9.35 -9.80
N VAL A 397 -7.61 8.05 -9.85
CA VAL A 397 -7.88 7.24 -8.66
C VAL A 397 -7.02 7.61 -7.46
N ALA A 398 -5.75 7.88 -7.75
CA ALA A 398 -4.79 8.29 -6.73
C ALA A 398 -5.25 9.57 -5.98
N ILE A 399 -5.77 10.55 -6.74
CA ILE A 399 -6.30 11.80 -6.21
C ILE A 399 -7.53 11.58 -5.33
N ALA A 400 -8.45 10.74 -5.85
CA ALA A 400 -9.65 10.41 -5.16
C ALA A 400 -9.30 9.77 -3.86
N ARG A 401 -8.38 8.84 -3.90
CA ARG A 401 -8.00 8.20 -2.67
C ARG A 401 -7.38 9.20 -1.71
N MET A 402 -6.55 10.12 -2.23
CA MET A 402 -5.90 11.08 -1.35
C MET A 402 -6.93 12.02 -0.68
N LYS A 403 -7.94 12.42 -1.45
CA LYS A 403 -9.04 13.23 -0.92
C LYS A 403 -9.68 12.51 0.25
N ASN A 404 -10.08 11.26 0.07
CA ASN A 404 -10.67 10.57 1.18
C ASN A 404 -9.72 10.38 2.33
N ALA A 405 -8.48 10.00 2.05
CA ALA A 405 -7.54 9.73 3.17
C ALA A 405 -7.35 10.97 4.07
N LEU A 406 -7.25 12.13 3.44
CA LEU A 406 -7.05 13.38 4.13
C LEU A 406 -8.22 13.65 5.04
N GLN A 407 -9.45 13.22 4.62
CA GLN A 407 -10.68 13.42 5.40
C GLN A 407 -10.73 12.56 6.65
N GLU A 408 -10.14 11.38 6.59
CA GLU A 408 -10.09 10.50 7.73
C GLU A 408 -9.00 10.85 8.73
N LEU A 409 -8.04 11.63 8.30
CA LEU A 409 -6.93 11.89 9.15
C LEU A 409 -7.26 12.90 10.23
N ILE A 410 -6.91 12.51 11.47
CA ILE A 410 -7.16 13.29 12.66
C ILE A 410 -5.88 13.53 13.45
N ILE A 411 -5.56 14.78 13.57
CA ILE A 411 -4.43 15.25 14.32
C ILE A 411 -4.82 16.51 15.06
N ASP A 412 -5.18 16.30 16.34
CA ASP A 412 -5.64 17.36 17.23
C ASP A 412 -4.56 17.85 18.17
N GLY A 413 -4.68 19.11 18.58
CA GLY A 413 -3.72 19.61 19.55
C GLY A 413 -2.71 20.51 18.92
N ILE A 414 -2.65 20.48 17.59
CA ILE A 414 -1.72 21.35 16.90
C ILE A 414 -2.32 21.85 15.59
N LYS A 415 -1.60 22.81 15.00
CA LYS A 415 -1.92 23.41 13.69
C LYS A 415 -1.14 22.64 12.62
N THR A 416 -1.83 22.24 11.56
CA THR A 416 -1.21 21.43 10.51
C THR A 416 -1.64 21.95 9.17
N ASN A 417 -1.04 21.43 8.10
CA ASN A 417 -1.43 21.91 6.81
C ASN A 417 -2.44 21.03 6.13
N VAL A 418 -3.13 20.23 6.92
CA VAL A 418 -4.13 19.35 6.33
C VAL A 418 -5.13 20.11 5.42
N ASP A 419 -5.71 21.21 5.89
CA ASP A 419 -6.68 21.94 5.04
C ASP A 419 -6.15 22.41 3.70
N LEU A 420 -4.90 22.87 3.74
CA LEU A 420 -4.26 23.30 2.53
C LEU A 420 -4.11 22.10 1.54
N GLN A 421 -3.73 20.92 2.05
CA GLN A 421 -3.62 19.74 1.21
C GLN A 421 -4.96 19.40 0.53
N ILE A 422 -6.03 19.55 1.30
CA ILE A 422 -7.37 19.27 0.78
C ILE A 422 -7.78 20.26 -0.28
N ARG A 423 -7.40 21.50 -0.04
CA ARG A 423 -7.65 22.53 -1.02
C ARG A 423 -6.87 22.20 -2.25
N ILE A 424 -5.65 21.72 -2.10
CA ILE A 424 -4.90 21.44 -3.30
C ILE A 424 -5.48 20.28 -4.11
N MET A 425 -5.85 19.25 -3.38
CA MET A 425 -6.45 18.10 -4.06
C MET A 425 -7.75 18.56 -4.71
N ASN A 426 -8.38 19.59 -4.19
CA ASN A 426 -9.60 20.04 -4.80
C ASN A 426 -9.42 20.99 -5.95
N ASP A 427 -8.19 21.47 -6.18
CA ASP A 427 -7.87 22.43 -7.25
C ASP A 427 -8.15 21.88 -8.64
N GLU A 428 -8.86 22.64 -9.50
CA GLU A 428 -9.18 22.14 -10.83
C GLU A 428 -7.96 21.99 -11.71
N ASN A 429 -7.04 22.89 -11.49
CA ASN A 429 -5.82 22.85 -12.27
C ASN A 429 -4.90 21.72 -11.87
N PHE A 430 -4.80 21.48 -10.58
CA PHE A 430 -4.02 20.35 -10.15
C PHE A 430 -4.70 19.11 -10.68
N GLN A 431 -6.03 19.09 -10.68
CA GLN A 431 -6.63 17.88 -11.22
C GLN A 431 -6.41 17.75 -12.69
N HIS A 432 -6.33 18.85 -13.39
CA HIS A 432 -6.09 18.69 -14.79
C HIS A 432 -4.68 18.14 -14.89
N GLY A 433 -3.81 18.69 -14.09
CA GLY A 433 -2.45 18.22 -14.09
C GLY A 433 -1.53 19.09 -14.95
N GLY A 434 -0.24 19.02 -14.62
CA GLY A 434 0.84 19.74 -15.30
C GLY A 434 1.05 21.16 -14.84
N THR A 435 0.62 21.52 -13.64
CA THR A 435 0.86 22.88 -13.22
C THR A 435 2.35 23.14 -13.07
N ASN A 436 2.69 24.40 -13.12
CA ASN A 436 4.07 24.73 -13.05
C ASN A 436 4.48 25.15 -11.69
N ILE A 437 5.74 25.50 -11.64
CA ILE A 437 6.32 25.80 -10.36
C ILE A 437 5.85 26.98 -9.58
N HIS A 438 5.06 27.84 -10.22
CA HIS A 438 4.60 29.05 -9.53
C HIS A 438 3.15 29.05 -9.18
N TYR A 439 2.46 28.02 -9.63
CA TYR A 439 1.05 27.90 -9.41
C TYR A 439 0.64 28.01 -7.97
N LEU A 440 1.32 27.28 -7.12
CA LEU A 440 0.85 27.29 -5.75
C LEU A 440 0.84 28.65 -5.12
N GLU A 441 1.94 29.36 -5.26
CA GLU A 441 1.98 30.65 -4.64
C GLU A 441 1.02 31.62 -5.27
N LYS A 442 0.81 31.47 -6.57
CA LYS A 442 -0.11 32.35 -7.24
C LYS A 442 -1.51 32.19 -6.67
N LYS A 443 -1.83 30.91 -6.42
CA LYS A 443 -3.16 30.53 -5.92
C LYS A 443 -3.44 31.00 -4.50
N LEU A 444 -2.37 30.94 -3.74
CA LEU A 444 -2.32 31.30 -2.35
C LEU A 444 -2.10 32.78 -2.17
N GLY A 445 -1.73 33.44 -3.25
CA GLY A 445 -1.48 34.87 -3.21
C GLY A 445 -0.15 35.28 -2.57
N LEU A 446 0.84 34.42 -2.70
CA LEU A 446 2.13 34.76 -2.14
C LEU A 446 2.98 35.40 -3.22
N MET B 1 -23.43 5.28 -12.85
CA MET B 1 -23.21 5.12 -11.42
C MET B 1 -24.40 5.35 -10.50
N LEU B 2 -24.48 4.45 -9.52
CA LEU B 2 -25.46 4.50 -8.49
C LEU B 2 -25.22 5.78 -7.69
N ASP B 3 -26.29 6.52 -7.53
CA ASP B 3 -26.27 7.78 -6.81
C ASP B 3 -25.99 7.63 -5.33
N LYS B 4 -26.71 6.71 -4.72
CA LYS B 4 -26.60 6.60 -3.31
C LYS B 4 -26.92 5.18 -2.92
N ILE B 5 -26.21 4.70 -1.87
CA ILE B 5 -26.50 3.34 -1.47
C ILE B 5 -26.56 3.20 0.04
N VAL B 6 -27.24 2.10 0.45
CA VAL B 6 -27.32 1.71 1.83
C VAL B 6 -26.30 0.60 2.06
N ILE B 7 -25.55 0.82 3.16
CA ILE B 7 -24.56 -0.09 3.66
C ILE B 7 -25.19 -0.88 4.80
N ALA B 8 -25.77 -2.01 4.45
CA ALA B 8 -26.39 -2.83 5.48
C ALA B 8 -25.40 -3.70 6.19
N ASN B 9 -24.50 -3.08 6.94
CA ASN B 9 -23.52 -3.89 7.67
C ASN B 9 -22.86 -2.97 8.70
N ARG B 10 -21.82 -3.45 9.38
CA ARG B 10 -21.13 -2.67 10.40
C ARG B 10 -19.62 -3.00 10.47
N GLY B 11 -18.97 -2.38 11.44
CA GLY B 11 -17.57 -2.67 11.66
C GLY B 11 -16.64 -2.44 10.47
N GLU B 12 -15.70 -3.34 10.32
CA GLU B 12 -14.67 -3.19 9.29
C GLU B 12 -15.15 -3.13 7.84
N ILE B 13 -15.99 -4.07 7.59
CA ILE B 13 -16.51 -4.15 6.28
C ILE B 13 -17.34 -2.94 5.90
N ALA B 14 -18.06 -2.35 6.85
CA ALA B 14 -18.84 -1.17 6.54
C ALA B 14 -17.91 0.00 6.14
N LEU B 15 -16.82 0.15 6.85
CA LEU B 15 -15.87 1.18 6.51
C LEU B 15 -15.20 0.87 5.12
N ARG B 16 -14.88 -0.37 4.84
CA ARG B 16 -14.29 -0.70 3.56
C ARG B 16 -15.15 -0.29 2.38
N ILE B 17 -16.46 -0.49 2.56
CA ILE B 17 -17.46 -0.19 1.54
C ILE B 17 -17.65 1.30 1.41
N LEU B 18 -17.66 1.93 2.55
CA LEU B 18 -17.79 3.37 2.54
C LEU B 18 -16.70 4.03 1.67
N ARG B 19 -15.42 3.60 1.85
CA ARG B 19 -14.31 4.20 1.09
C ARG B 19 -14.46 3.97 -0.39
N ALA B 20 -14.88 2.75 -0.74
CA ALA B 20 -15.09 2.49 -2.15
C ALA B 20 -16.12 3.46 -2.72
N CYS B 21 -17.18 3.68 -1.98
CA CYS B 21 -18.24 4.60 -2.41
C CYS B 21 -17.70 5.99 -2.61
N LYS B 22 -17.06 6.47 -1.58
CA LYS B 22 -16.50 7.79 -1.69
C LYS B 22 -15.58 7.94 -2.90
N GLU B 23 -14.75 6.93 -3.18
CA GLU B 23 -13.89 7.02 -4.35
C GLU B 23 -14.62 7.19 -5.63
N LEU B 24 -15.82 6.62 -5.75
CA LEU B 24 -16.60 6.70 -6.96
C LEU B 24 -17.64 7.79 -6.98
N GLY B 25 -17.74 8.54 -5.88
CA GLY B 25 -18.73 9.60 -5.77
C GLY B 25 -20.17 9.13 -5.53
N ILE B 26 -20.36 8.00 -4.83
CA ILE B 26 -21.65 7.45 -4.48
C ILE B 26 -21.98 7.94 -3.05
N LYS B 27 -23.18 8.45 -2.85
CA LYS B 27 -23.54 8.89 -1.50
C LYS B 27 -23.77 7.68 -0.61
N THR B 28 -23.47 7.87 0.64
CA THR B 28 -23.63 6.75 1.52
C THR B 28 -24.62 7.01 2.65
N VAL B 29 -25.26 5.92 3.01
CA VAL B 29 -26.24 5.90 4.09
C VAL B 29 -25.85 4.75 5.00
N ALA B 30 -25.52 5.11 6.21
CA ALA B 30 -25.18 4.11 7.18
C ALA B 30 -26.31 3.76 8.14
N VAL B 31 -26.82 2.53 8.04
CA VAL B 31 -27.83 2.09 8.96
C VAL B 31 -27.14 1.49 10.16
N HIS B 32 -27.58 1.83 11.38
CA HIS B 32 -26.91 1.26 12.55
C HIS B 32 -27.78 0.96 13.75
N SER B 33 -27.29 0.05 14.58
CA SER B 33 -27.96 -0.31 15.80
C SER B 33 -27.63 0.76 16.80
N SER B 34 -28.48 0.89 17.80
CA SER B 34 -28.28 1.93 18.79
C SER B 34 -26.92 1.78 19.43
N ALA B 35 -26.39 0.58 19.42
CA ALA B 35 -25.10 0.41 20.07
C ALA B 35 -23.87 0.73 19.20
N ASP B 36 -24.07 1.04 17.92
CA ASP B 36 -23.00 1.30 16.97
C ASP B 36 -23.00 2.74 16.49
N ARG B 37 -23.51 3.64 17.30
CA ARG B 37 -23.65 5.06 16.98
C ARG B 37 -22.30 5.67 16.70
N ASP B 38 -21.32 5.15 17.43
CA ASP B 38 -19.94 5.61 17.40
C ASP B 38 -19.03 4.86 16.39
N LEU B 39 -19.57 4.00 15.55
CA LEU B 39 -18.71 3.30 14.61
C LEU B 39 -18.06 4.32 13.68
N LYS B 40 -16.81 4.08 13.33
CA LYS B 40 -16.08 4.97 12.46
C LYS B 40 -16.78 5.30 11.17
N HIS B 41 -17.31 4.29 10.50
CA HIS B 41 -17.97 4.61 9.22
C HIS B 41 -19.21 5.44 9.37
N VAL B 42 -19.90 5.25 10.50
CA VAL B 42 -21.14 5.94 10.80
C VAL B 42 -20.82 7.43 10.83
N LEU B 43 -19.69 7.68 11.51
CA LEU B 43 -19.24 9.03 11.60
C LEU B 43 -18.84 9.66 10.28
N LEU B 44 -18.45 8.85 9.31
CA LEU B 44 -18.03 9.39 8.02
C LEU B 44 -19.11 9.39 6.90
N ALA B 45 -20.25 8.70 7.12
CA ALA B 45 -21.33 8.60 6.12
C ALA B 45 -22.05 9.93 5.86
N ASP B 46 -22.68 10.02 4.68
CA ASP B 46 -23.43 11.19 4.28
C ASP B 46 -24.68 11.30 5.10
N GLU B 47 -25.29 10.15 5.34
CA GLU B 47 -26.50 10.04 6.13
C GLU B 47 -26.44 8.81 6.98
N THR B 48 -27.19 8.86 8.04
CA THR B 48 -27.31 7.75 8.93
C THR B 48 -28.74 7.50 9.41
N VAL B 49 -29.01 6.24 9.71
CA VAL B 49 -30.28 5.83 10.20
C VAL B 49 -30.10 4.73 11.20
N CYS B 50 -30.67 4.99 12.41
CA CYS B 50 -30.71 4.03 13.51
C CYS B 50 -31.86 3.07 13.26
N ILE B 51 -31.54 1.82 13.03
CA ILE B 51 -32.49 0.82 12.64
C ILE B 51 -32.95 -0.10 13.77
N GLY B 52 -32.52 0.21 14.97
CA GLY B 52 -32.96 -0.63 16.01
C GLY B 52 -32.03 -0.69 17.18
N PRO B 53 -32.44 -1.49 18.09
CA PRO B 53 -31.66 -1.69 19.26
C PRO B 53 -30.44 -2.55 18.92
N ALA B 54 -29.59 -2.78 19.93
CA ALA B 54 -28.37 -3.53 19.75
C ALA B 54 -28.40 -4.89 19.06
N PRO B 55 -29.17 -5.82 19.60
CA PRO B 55 -29.28 -7.12 19.03
C PRO B 55 -29.54 -7.15 17.54
N SER B 56 -28.70 -7.86 16.82
CA SER B 56 -28.77 -7.99 15.38
C SER B 56 -30.12 -8.39 14.88
N VAL B 57 -30.79 -9.21 15.66
CA VAL B 57 -32.10 -9.70 15.28
C VAL B 57 -33.05 -8.54 15.23
N LYS B 58 -32.71 -7.57 16.06
CA LYS B 58 -33.53 -6.38 16.16
C LYS B 58 -33.07 -5.26 15.28
N SER B 59 -31.82 -5.32 14.85
CA SER B 59 -31.28 -4.25 14.03
C SER B 59 -30.83 -4.76 12.67
N TYR B 60 -29.63 -5.31 12.71
CA TYR B 60 -29.03 -5.80 11.50
C TYR B 60 -29.79 -6.88 10.81
N LEU B 61 -30.68 -7.59 11.52
CA LEU B 61 -31.43 -8.64 10.81
C LEU B 61 -32.88 -8.28 10.54
N ASN B 62 -33.15 -7.02 10.79
CA ASN B 62 -34.46 -6.46 10.63
C ASN B 62 -34.66 -5.88 9.26
N ILE B 63 -35.17 -6.75 8.39
CA ILE B 63 -35.41 -6.44 6.98
C ILE B 63 -36.24 -5.18 6.69
N PRO B 64 -37.43 -5.11 7.25
CA PRO B 64 -38.29 -3.96 7.05
C PRO B 64 -37.55 -2.65 7.40
N ALA B 65 -36.85 -2.70 8.53
CA ALA B 65 -36.09 -1.56 8.99
C ALA B 65 -35.05 -1.14 7.98
N ILE B 66 -34.37 -2.08 7.38
CA ILE B 66 -33.40 -1.68 6.38
C ILE B 66 -34.04 -1.24 5.08
N ILE B 67 -35.11 -1.93 4.67
CA ILE B 67 -35.75 -1.50 3.43
C ILE B 67 -36.27 -0.05 3.51
N SER B 68 -36.82 0.26 4.69
CA SER B 68 -37.36 1.59 5.03
C SER B 68 -36.35 2.72 4.92
N ALA B 69 -35.17 2.45 5.46
CA ALA B 69 -34.09 3.38 5.47
C ALA B 69 -33.70 3.62 4.02
N ALA B 70 -33.79 2.59 3.17
CA ALA B 70 -33.53 2.78 1.75
C ALA B 70 -34.50 3.78 1.18
N GLU B 71 -35.79 3.48 1.32
CA GLU B 71 -36.93 4.30 0.89
C GLU B 71 -36.89 5.73 1.41
N ILE B 72 -36.75 5.96 2.71
CA ILE B 72 -36.77 7.34 3.19
C ILE B 72 -35.58 8.17 2.80
N THR B 73 -34.49 7.53 2.43
CA THR B 73 -33.31 8.26 2.02
C THR B 73 -33.21 8.41 0.51
N GLY B 74 -33.96 7.63 -0.23
CA GLY B 74 -33.88 7.80 -1.65
C GLY B 74 -32.71 7.03 -2.24
N ALA B 75 -32.28 6.03 -1.48
CA ALA B 75 -31.19 5.20 -1.89
C ALA B 75 -31.62 4.33 -3.05
N VAL B 76 -30.66 4.01 -3.92
CA VAL B 76 -30.92 3.19 -5.10
C VAL B 76 -30.49 1.74 -4.91
N ALA B 77 -29.55 1.54 -4.00
CA ALA B 77 -29.10 0.19 -3.81
C ALA B 77 -28.69 -0.09 -2.40
N ILE B 78 -28.55 -1.40 -2.13
CA ILE B 78 -28.14 -1.89 -0.83
C ILE B 78 -27.01 -2.86 -0.91
N HIS B 79 -25.99 -2.58 -0.10
CA HIS B 79 -24.82 -3.42 -0.05
C HIS B 79 -24.79 -4.16 1.28
N PRO B 80 -25.07 -5.48 1.22
CA PRO B 80 -25.14 -6.33 2.39
C PRO B 80 -23.80 -6.65 3.07
N GLY B 81 -22.66 -6.36 2.45
CA GLY B 81 -21.38 -6.71 3.09
C GLY B 81 -21.23 -8.24 3.16
N TYR B 82 -20.73 -8.77 4.28
CA TYR B 82 -20.64 -10.22 4.48
C TYR B 82 -21.33 -10.55 5.80
N GLY B 83 -21.73 -11.78 6.02
CA GLY B 83 -22.44 -12.09 7.23
C GLY B 83 -23.88 -11.55 7.13
N PHE B 84 -24.55 -11.44 8.26
CA PHE B 84 -25.90 -10.86 8.29
C PHE B 84 -26.84 -11.40 7.25
N LEU B 85 -27.37 -10.52 6.38
CA LEU B 85 -28.33 -10.93 5.38
C LEU B 85 -27.72 -11.07 4.00
N SER B 86 -26.38 -11.02 3.91
CA SER B 86 -25.67 -11.09 2.62
C SER B 86 -25.99 -12.35 1.84
N GLU B 87 -26.30 -13.41 2.56
CA GLU B 87 -26.66 -14.62 1.86
C GLU B 87 -28.10 -15.06 2.22
N ASN B 88 -28.96 -14.07 2.39
CA ASN B 88 -30.35 -14.27 2.70
C ASN B 88 -31.22 -13.97 1.47
N ALA B 89 -31.78 -15.04 0.85
CA ALA B 89 -32.60 -14.94 -0.36
C ALA B 89 -33.83 -14.04 -0.27
N ASN B 90 -34.49 -14.16 0.89
CA ASN B 90 -35.70 -13.42 1.21
C ASN B 90 -35.36 -12.00 1.15
N PHE B 91 -34.26 -11.74 1.81
CA PHE B 91 -33.78 -10.39 1.78
C PHE B 91 -33.56 -9.83 0.36
N ALA B 92 -32.75 -10.53 -0.41
CA ALA B 92 -32.51 -10.11 -1.77
C ALA B 92 -33.77 -9.89 -2.59
N GLU B 93 -34.66 -10.90 -2.53
CA GLU B 93 -35.96 -10.90 -3.19
C GLU B 93 -36.69 -9.64 -2.85
N GLN B 94 -36.81 -9.42 -1.52
CA GLN B 94 -37.50 -8.25 -1.05
C GLN B 94 -36.95 -6.95 -1.53
N VAL B 95 -35.63 -6.90 -1.49
CA VAL B 95 -34.94 -5.71 -1.89
C VAL B 95 -35.34 -5.29 -3.27
N GLU B 96 -35.27 -6.28 -4.20
CA GLU B 96 -35.61 -6.00 -5.58
C GLU B 96 -37.09 -5.65 -5.74
N ARG B 97 -37.93 -6.59 -5.30
CA ARG B 97 -39.37 -6.45 -5.27
C ARG B 97 -39.71 -5.04 -4.75
N SER B 98 -38.91 -4.56 -3.81
CA SER B 98 -39.13 -3.24 -3.26
C SER B 98 -38.57 -2.14 -4.13
N GLY B 99 -38.09 -2.53 -5.29
CA GLY B 99 -37.60 -1.56 -6.22
C GLY B 99 -36.16 -1.15 -6.03
N PHE B 100 -35.40 -1.91 -5.27
CA PHE B 100 -34.02 -1.49 -5.07
C PHE B 100 -33.08 -2.48 -5.70
N ILE B 101 -31.83 -2.03 -5.84
CA ILE B 101 -30.78 -2.89 -6.39
C ILE B 101 -30.00 -3.58 -5.30
N PHE B 102 -29.98 -4.88 -5.36
CA PHE B 102 -29.28 -5.69 -4.39
C PHE B 102 -27.88 -5.88 -4.88
N ILE B 103 -26.91 -5.46 -4.08
CA ILE B 103 -25.53 -5.62 -4.54
C ILE B 103 -25.02 -7.02 -4.22
N GLY B 104 -25.40 -7.97 -5.07
CA GLY B 104 -25.08 -9.39 -4.95
C GLY B 104 -25.77 -10.14 -6.08
N PRO B 105 -25.77 -11.46 -6.03
CA PRO B 105 -26.40 -12.30 -7.07
C PRO B 105 -27.92 -12.29 -6.97
N LYS B 106 -28.63 -13.01 -7.85
CA LYS B 106 -30.07 -13.04 -7.74
C LYS B 106 -30.47 -13.91 -6.58
N ALA B 107 -31.66 -13.67 -5.99
CA ALA B 107 -32.16 -14.49 -4.90
C ALA B 107 -32.21 -15.96 -5.30
N GLU B 108 -32.55 -16.24 -6.58
CA GLU B 108 -32.60 -17.63 -7.06
C GLU B 108 -31.29 -18.30 -6.92
N THR B 109 -30.24 -17.54 -7.28
CA THR B 109 -28.83 -17.94 -7.24
C THR B 109 -28.37 -18.27 -5.83
N ILE B 110 -28.85 -17.50 -4.90
CA ILE B 110 -28.53 -17.72 -3.49
C ILE B 110 -29.21 -18.99 -2.99
N ARG B 111 -30.49 -19.15 -3.33
CA ARG B 111 -31.21 -20.34 -2.91
C ARG B 111 -30.44 -21.55 -3.39
N LEU B 112 -30.18 -21.53 -4.73
CA LEU B 112 -29.46 -22.57 -5.44
C LEU B 112 -28.23 -23.01 -4.74
N MET B 113 -27.40 -22.02 -4.44
CA MET B 113 -26.16 -22.33 -3.80
C MET B 113 -26.28 -22.46 -2.34
N GLY B 114 -27.44 -22.09 -1.82
CA GLY B 114 -27.59 -22.17 -0.40
C GLY B 114 -27.84 -23.59 0.02
N ASP B 115 -28.47 -24.34 -0.87
CA ASP B 115 -28.72 -25.70 -0.47
C ASP B 115 -27.64 -26.61 -0.98
N LYS B 116 -27.00 -27.34 -0.04
CA LYS B 116 -25.93 -28.29 -0.32
C LYS B 116 -26.22 -29.28 -1.44
N VAL B 117 -27.46 -29.67 -1.58
CA VAL B 117 -27.84 -30.61 -2.59
C VAL B 117 -27.80 -30.02 -3.96
N SER B 118 -28.65 -29.01 -4.12
CA SER B 118 -28.82 -28.32 -5.38
C SER B 118 -27.46 -27.84 -5.82
N ALA B 119 -26.67 -27.52 -4.80
CA ALA B 119 -25.33 -27.00 -5.02
C ALA B 119 -24.37 -27.94 -5.70
N ILE B 120 -24.15 -29.14 -5.13
CA ILE B 120 -23.25 -30.12 -5.75
C ILE B 120 -23.74 -30.60 -7.10
N ALA B 121 -25.05 -30.76 -7.12
CA ALA B 121 -25.71 -31.13 -8.33
C ALA B 121 -25.30 -30.14 -9.43
N ALA B 122 -25.49 -28.86 -9.15
CA ALA B 122 -25.15 -27.82 -10.11
C ALA B 122 -23.67 -27.83 -10.41
N MET B 123 -22.88 -28.12 -9.39
CA MET B 123 -21.46 -28.09 -9.63
C MET B 123 -21.02 -29.22 -10.51
N LYS B 124 -21.61 -30.39 -10.30
CA LYS B 124 -21.26 -31.51 -11.14
C LYS B 124 -21.73 -31.29 -12.59
N LYS B 125 -22.95 -30.77 -12.73
CA LYS B 125 -23.54 -30.45 -14.02
C LYS B 125 -22.68 -29.40 -14.69
N ALA B 126 -22.03 -28.64 -13.84
CA ALA B 126 -21.20 -27.58 -14.34
C ALA B 126 -19.81 -28.04 -14.69
N GLY B 127 -19.42 -29.20 -14.18
CA GLY B 127 -18.05 -29.65 -14.47
C GLY B 127 -17.01 -29.38 -13.37
N VAL B 128 -17.45 -28.85 -12.23
CA VAL B 128 -16.60 -28.57 -11.09
C VAL B 128 -16.44 -29.87 -10.25
N PRO B 129 -15.18 -30.18 -9.89
CA PRO B 129 -14.77 -31.32 -9.08
C PRO B 129 -15.31 -31.31 -7.66
N CYS B 130 -16.11 -32.33 -7.39
CA CYS B 130 -16.67 -32.52 -6.08
C CYS B 130 -16.07 -33.76 -5.48
N VAL B 131 -16.35 -34.00 -4.19
CA VAL B 131 -15.81 -35.19 -3.52
C VAL B 131 -16.46 -36.43 -4.08
N PRO B 132 -15.64 -37.39 -4.49
CA PRO B 132 -16.11 -38.69 -4.98
C PRO B 132 -16.67 -39.68 -3.89
N GLY B 133 -17.75 -40.42 -4.25
CA GLY B 133 -18.38 -41.40 -3.36
C GLY B 133 -19.15 -42.50 -4.07
N SER B 134 -19.92 -43.21 -3.24
CA SER B 134 -20.70 -44.33 -3.70
C SER B 134 -21.80 -43.93 -4.72
N ASP B 135 -22.19 -42.68 -4.68
CA ASP B 135 -23.28 -42.20 -5.54
C ASP B 135 -24.51 -43.02 -5.09
N GLY B 136 -24.96 -42.74 -3.89
CA GLY B 136 -26.07 -43.43 -3.30
C GLY B 136 -25.59 -44.48 -2.31
N PRO B 137 -26.48 -44.85 -1.37
CA PRO B 137 -26.25 -45.83 -0.32
C PRO B 137 -25.63 -47.16 -0.82
N LEU B 138 -24.96 -47.94 0.06
CA LEU B 138 -24.38 -49.23 -0.33
C LEU B 138 -25.19 -50.47 0.18
N GLY B 139 -24.88 -51.70 -0.34
CA GLY B 139 -25.63 -52.92 0.06
C GLY B 139 -24.93 -54.05 0.85
N ASP B 140 -25.04 -55.26 0.27
CA ASP B 140 -24.50 -56.49 0.86
C ASP B 140 -23.40 -57.07 -0.03
N ASP B 141 -23.48 -56.74 -1.33
CA ASP B 141 -22.54 -57.22 -2.36
C ASP B 141 -21.12 -56.74 -2.18
N MET B 142 -20.43 -57.12 -1.09
CA MET B 142 -19.07 -56.64 -0.94
C MET B 142 -18.14 -56.93 -2.12
N ASP B 143 -18.60 -57.72 -3.10
CA ASP B 143 -17.81 -58.03 -4.30
C ASP B 143 -17.91 -56.79 -5.19
N LYS B 144 -19.12 -56.25 -5.06
CA LYS B 144 -19.61 -55.04 -5.70
C LYS B 144 -18.96 -53.83 -5.04
N ASN B 145 -19.41 -53.60 -3.82
CA ASN B 145 -18.94 -52.55 -2.98
C ASN B 145 -17.43 -52.26 -3.11
N ARG B 146 -16.61 -53.29 -2.93
CA ARG B 146 -15.19 -53.10 -3.04
C ARG B 146 -14.78 -52.56 -4.39
N ALA B 147 -15.66 -52.73 -5.36
CA ALA B 147 -15.32 -52.29 -6.69
C ALA B 147 -15.38 -50.78 -6.82
N ILE B 148 -16.27 -50.20 -6.03
CA ILE B 148 -16.45 -48.77 -6.07
C ILE B 148 -15.38 -48.14 -5.24
N ALA B 149 -14.99 -48.81 -4.16
CA ALA B 149 -13.95 -48.21 -3.33
C ALA B 149 -12.66 -48.10 -4.13
N LYS B 150 -12.45 -49.08 -4.97
CA LYS B 150 -11.27 -49.07 -5.79
C LYS B 150 -11.28 -47.82 -6.66
N ARG B 151 -12.46 -47.58 -7.23
CA ARG B 151 -12.71 -46.47 -8.14
C ARG B 151 -12.47 -45.17 -7.46
N ILE B 152 -12.88 -45.11 -6.18
CA ILE B 152 -12.76 -43.95 -5.33
C ILE B 152 -11.31 -43.71 -5.00
N GLY B 153 -10.62 -44.76 -4.54
CA GLY B 153 -9.21 -44.62 -4.22
C GLY B 153 -9.08 -44.57 -2.72
N TYR B 154 -8.44 -45.55 -2.10
CA TYR B 154 -8.33 -45.47 -0.65
C TYR B 154 -7.42 -44.31 -0.26
N PRO B 155 -7.58 -43.75 0.95
CA PRO B 155 -8.54 -44.17 1.94
C PRO B 155 -9.94 -43.69 1.69
N VAL B 156 -10.88 -44.48 2.17
CA VAL B 156 -12.30 -44.16 2.05
C VAL B 156 -12.92 -44.02 3.42
N ILE B 157 -14.09 -43.47 3.40
CA ILE B 157 -14.82 -43.29 4.59
C ILE B 157 -16.22 -43.79 4.40
N ILE B 158 -16.62 -44.63 5.34
CA ILE B 158 -17.93 -45.19 5.36
C ILE B 158 -18.74 -44.35 6.30
N LYS B 159 -19.83 -43.79 5.80
CA LYS B 159 -20.63 -42.94 6.64
C LYS B 159 -22.08 -43.39 6.59
N MET B 169 -19.06 -42.96 11.49
CA MET B 169 -18.23 -42.83 10.31
C MET B 169 -16.80 -43.42 10.46
N ARG B 170 -16.63 -44.61 9.88
CA ARG B 170 -15.36 -45.36 9.90
C ARG B 170 -14.51 -45.12 8.63
N VAL B 171 -13.18 -45.18 8.79
CA VAL B 171 -12.21 -44.98 7.71
C VAL B 171 -11.51 -46.29 7.31
N VAL B 172 -11.44 -46.55 6.03
CA VAL B 172 -10.81 -47.77 5.59
C VAL B 172 -9.66 -47.48 4.67
N ARG B 173 -8.60 -48.31 4.71
CA ARG B 173 -7.44 -48.11 3.83
C ARG B 173 -7.10 -49.21 2.82
N GLY B 174 -7.66 -50.39 2.99
CA GLY B 174 -7.39 -51.49 2.08
C GLY B 174 -8.50 -52.49 2.21
N ASP B 175 -8.70 -53.18 1.10
CA ASP B 175 -9.75 -54.20 0.93
C ASP B 175 -10.13 -54.92 2.23
N ALA B 176 -9.09 -55.41 2.89
CA ALA B 176 -9.19 -56.15 4.11
C ALA B 176 -10.27 -55.66 5.12
N GLU B 177 -10.13 -54.40 5.60
CA GLU B 177 -11.01 -53.80 6.62
C GLU B 177 -12.36 -53.37 6.12
N LEU B 178 -12.63 -53.66 4.88
CA LEU B 178 -13.89 -53.20 4.37
C LEU B 178 -15.06 -53.83 5.06
N ALA B 179 -15.09 -55.14 4.93
CA ALA B 179 -16.14 -55.95 5.47
C ALA B 179 -16.56 -55.56 6.91
N GLN B 180 -15.69 -55.78 7.86
CA GLN B 180 -16.04 -55.47 9.24
C GLN B 180 -16.43 -54.01 9.36
N SER B 181 -15.60 -53.15 8.73
CA SER B 181 -15.79 -51.73 8.74
C SER B 181 -17.19 -51.31 8.41
N ILE B 182 -17.68 -51.89 7.34
CA ILE B 182 -19.05 -51.64 6.91
C ILE B 182 -20.06 -52.27 7.94
N SER B 183 -19.82 -53.55 8.26
CA SER B 183 -20.66 -54.28 9.18
C SER B 183 -20.91 -53.58 10.52
N MET B 184 -19.79 -53.14 11.16
CA MET B 184 -19.79 -52.45 12.48
C MET B 184 -20.25 -51.01 12.41
N THR B 185 -20.48 -50.64 11.15
CA THR B 185 -20.90 -49.31 10.77
C THR B 185 -22.42 -49.23 10.83
N ARG B 186 -23.09 -50.08 10.04
CA ARG B 186 -24.54 -50.16 9.99
C ARG B 186 -25.11 -50.15 11.43
N ALA B 187 -24.31 -50.78 12.30
CA ALA B 187 -24.56 -50.91 13.74
C ALA B 187 -24.60 -49.50 14.39
N TYR B 199 -23.57 -44.68 3.06
CA TYR B 199 -22.78 -44.28 1.90
C TYR B 199 -21.28 -44.37 2.09
N MET B 200 -20.57 -44.27 0.98
CA MET B 200 -19.14 -44.32 1.02
C MET B 200 -18.56 -43.02 0.46
N GLU B 201 -17.42 -42.62 0.93
CA GLU B 201 -16.91 -41.38 0.41
C GLU B 201 -15.41 -41.36 0.33
N LYS B 202 -14.87 -40.59 -0.59
CA LYS B 202 -13.43 -40.54 -0.61
C LYS B 202 -12.93 -39.77 0.59
N TYR B 203 -11.88 -40.26 1.21
CA TYR B 203 -11.37 -39.61 2.41
C TYR B 203 -10.13 -38.75 2.17
N LEU B 204 -10.20 -37.50 2.71
CA LEU B 204 -9.12 -36.49 2.66
C LEU B 204 -8.51 -36.21 4.03
N GLU B 205 -7.43 -36.93 4.35
CA GLU B 205 -6.77 -36.80 5.60
C GLU B 205 -6.08 -35.49 5.84
N ASN B 206 -5.33 -35.01 4.85
CA ASN B 206 -4.55 -33.81 5.00
C ASN B 206 -4.71 -32.80 3.91
N PRO B 207 -5.87 -32.21 3.87
CA PRO B 207 -6.14 -31.26 2.81
C PRO B 207 -5.86 -29.85 3.18
N ARG B 208 -5.74 -29.04 2.13
CA ARG B 208 -5.57 -27.60 2.29
C ARG B 208 -6.84 -26.91 1.93
N HIS B 209 -7.06 -25.74 2.52
CA HIS B 209 -8.24 -24.99 2.18
C HIS B 209 -7.85 -23.93 1.11
N VAL B 210 -8.29 -24.18 -0.14
CA VAL B 210 -8.01 -23.31 -1.26
C VAL B 210 -9.29 -22.83 -1.88
N GLU B 211 -9.40 -21.51 -2.05
CA GLU B 211 -10.61 -20.99 -2.60
C GLU B 211 -10.30 -20.02 -3.72
N ILE B 212 -11.20 -20.00 -4.68
CA ILE B 212 -11.05 -19.16 -5.87
C ILE B 212 -12.00 -17.99 -5.93
N GLN B 213 -11.41 -16.80 -6.16
CA GLN B 213 -12.19 -15.59 -6.34
C GLN B 213 -12.67 -15.46 -7.77
N VAL B 214 -13.94 -15.14 -7.90
CA VAL B 214 -14.54 -14.89 -9.19
C VAL B 214 -15.33 -13.57 -9.11
N LEU B 215 -15.64 -13.04 -10.31
CA LEU B 215 -16.49 -11.90 -10.62
C LEU B 215 -17.19 -12.21 -11.94
N ALA B 216 -18.50 -11.99 -11.98
CA ALA B 216 -19.31 -12.22 -13.16
C ALA B 216 -20.24 -11.03 -13.37
N ASP B 217 -20.52 -10.65 -14.58
CA ASP B 217 -21.39 -9.48 -14.69
C ASP B 217 -22.87 -9.74 -14.87
N GLY B 218 -23.28 -11.02 -14.92
CA GLY B 218 -24.69 -11.35 -15.15
C GLY B 218 -24.99 -11.33 -16.66
N GLN B 219 -24.16 -10.59 -17.40
CA GLN B 219 -24.22 -10.41 -18.83
C GLN B 219 -23.35 -11.39 -19.59
N GLY B 220 -23.19 -12.57 -19.02
CA GLY B 220 -22.41 -13.53 -19.73
C GLY B 220 -20.91 -13.48 -19.47
N ASN B 221 -20.40 -12.43 -18.82
CA ASN B 221 -18.95 -12.43 -18.56
C ASN B 221 -18.54 -12.84 -17.17
N ALA B 222 -17.45 -13.60 -17.11
CA ALA B 222 -16.97 -14.07 -15.85
C ALA B 222 -15.47 -14.30 -15.86
N ILE B 223 -14.77 -13.84 -14.82
CA ILE B 223 -13.31 -14.04 -14.73
C ILE B 223 -12.94 -14.51 -13.33
N TYR B 224 -11.81 -15.15 -13.24
CA TYR B 224 -11.37 -15.60 -11.94
C TYR B 224 -10.15 -14.80 -11.58
N LEU B 225 -9.97 -14.61 -10.27
CA LEU B 225 -8.86 -13.83 -9.75
C LEU B 225 -7.94 -14.61 -8.86
N ALA B 226 -7.40 -15.65 -9.42
CA ALA B 226 -6.46 -16.49 -8.71
C ALA B 226 -7.12 -17.07 -7.48
N GLU B 227 -6.31 -17.54 -6.54
CA GLU B 227 -6.80 -18.21 -5.37
C GLU B 227 -6.22 -17.71 -4.06
N ARG B 228 -6.77 -18.20 -2.97
CA ARG B 228 -6.26 -17.87 -1.65
C ARG B 228 -6.20 -19.15 -0.84
N ASP B 229 -5.22 -19.20 0.03
CA ASP B 229 -5.04 -20.30 0.94
C ASP B 229 -5.51 -19.83 2.32
N CYS B 230 -6.47 -20.54 2.90
CA CYS B 230 -6.98 -20.20 4.25
C CYS B 230 -6.88 -21.42 5.19
N SER B 231 -5.82 -22.21 5.13
CA SER B 231 -5.71 -23.41 5.95
C SER B 231 -5.63 -23.17 7.47
N MET B 232 -5.11 -22.03 7.90
CA MET B 232 -4.96 -21.70 9.34
C MET B 232 -6.30 -21.39 9.92
N GLN B 233 -6.81 -22.44 10.58
CA GLN B 233 -8.13 -22.42 11.15
C GLN B 233 -8.18 -22.91 12.55
N ARG B 234 -9.21 -22.39 13.21
CA ARG B 234 -9.55 -22.68 14.60
C ARG B 234 -11.08 -22.75 14.65
N ARG B 235 -11.61 -23.94 14.97
CA ARG B 235 -13.06 -24.12 15.04
C ARG B 235 -13.69 -23.82 13.70
N HIS B 236 -12.95 -24.19 12.67
CA HIS B 236 -13.50 -23.94 11.37
C HIS B 236 -13.57 -22.46 11.08
N GLN B 237 -12.79 -21.68 11.79
CA GLN B 237 -12.75 -20.26 11.55
C GLN B 237 -11.33 -19.90 11.09
N LYS B 238 -11.23 -19.22 9.92
CA LYS B 238 -9.98 -18.80 9.28
C LYS B 238 -9.27 -17.80 10.16
N VAL B 239 -8.00 -17.96 10.37
CA VAL B 239 -7.31 -17.02 11.26
C VAL B 239 -6.26 -16.21 10.47
N VAL B 240 -5.66 -16.88 9.47
CA VAL B 240 -4.64 -16.29 8.57
C VAL B 240 -5.01 -16.68 7.16
N GLU B 241 -4.91 -15.74 6.21
CA GLU B 241 -5.21 -16.02 4.82
C GLU B 241 -4.06 -15.53 3.96
N GLU B 242 -3.83 -16.18 2.85
CA GLU B 242 -2.76 -15.74 1.96
C GLU B 242 -3.10 -15.95 0.51
N ALA B 243 -2.46 -15.16 -0.36
CA ALA B 243 -2.60 -15.31 -1.80
C ALA B 243 -1.27 -14.96 -2.48
N PRO B 244 -0.87 -15.69 -3.53
CA PRO B 244 -1.57 -16.84 -4.01
C PRO B 244 -1.29 -17.97 -3.06
N ALA B 245 -1.81 -19.13 -3.41
CA ALA B 245 -1.61 -20.33 -2.60
C ALA B 245 -0.27 -20.99 -2.91
N PRO B 246 0.57 -21.19 -1.92
CA PRO B 246 1.86 -21.77 -2.23
C PRO B 246 1.76 -23.19 -2.82
N GLY B 247 2.54 -23.51 -3.90
CA GLY B 247 2.52 -24.84 -4.55
C GLY B 247 1.58 -24.97 -5.76
N ILE B 248 0.65 -24.02 -5.91
CA ILE B 248 -0.28 -23.97 -7.01
C ILE B 248 0.42 -23.41 -8.24
N THR B 249 0.40 -24.17 -9.32
CA THR B 249 1.04 -23.71 -10.52
C THR B 249 -0.01 -23.09 -11.38
N PRO B 250 0.48 -22.49 -12.44
CA PRO B 250 -0.35 -21.77 -13.40
C PRO B 250 -1.33 -22.65 -14.15
N GLU B 251 -0.89 -23.85 -14.38
CA GLU B 251 -1.73 -24.77 -15.06
C GLU B 251 -2.85 -25.13 -14.14
N LEU B 252 -2.49 -25.49 -12.89
CA LEU B 252 -3.54 -25.84 -11.94
C LEU B 252 -4.46 -24.64 -11.75
N ARG B 253 -3.84 -23.46 -11.70
CA ARG B 253 -4.60 -22.26 -11.50
C ARG B 253 -5.59 -22.08 -12.63
N ARG B 254 -5.04 -22.21 -13.83
CA ARG B 254 -5.90 -22.08 -14.99
C ARG B 254 -7.01 -23.17 -15.06
N TYR B 255 -6.68 -24.42 -14.76
CA TYR B 255 -7.65 -25.50 -14.82
C TYR B 255 -8.87 -25.18 -13.94
N ILE B 256 -8.63 -24.94 -12.67
CA ILE B 256 -9.71 -24.68 -11.75
C ILE B 256 -10.40 -23.35 -11.97
N GLY B 257 -9.56 -22.38 -12.26
CA GLY B 257 -10.12 -21.07 -12.51
C GLY B 257 -11.11 -21.07 -13.64
N GLU B 258 -10.78 -21.76 -14.75
CA GLU B 258 -11.64 -21.80 -15.89
C GLU B 258 -12.93 -22.47 -15.62
N ARG B 259 -12.79 -23.49 -14.80
CA ARG B 259 -13.93 -24.24 -14.40
C ARG B 259 -14.84 -23.44 -13.50
N CYS B 260 -14.20 -22.66 -12.63
CA CYS B 260 -15.09 -21.88 -11.78
C CYS B 260 -15.83 -20.83 -12.62
N ALA B 261 -15.11 -20.21 -13.54
CA ALA B 261 -15.69 -19.21 -14.38
C ALA B 261 -16.79 -19.77 -15.22
N LYS B 262 -16.59 -20.96 -15.81
CA LYS B 262 -17.67 -21.59 -16.58
C LYS B 262 -18.89 -21.76 -15.71
N ALA B 263 -18.69 -22.24 -14.49
CA ALA B 263 -19.83 -22.45 -13.60
C ALA B 263 -20.69 -21.19 -13.38
N CYS B 264 -19.98 -20.08 -13.32
CA CYS B 264 -20.67 -18.82 -13.11
C CYS B 264 -21.71 -18.57 -14.19
N VAL B 265 -21.26 -18.76 -15.39
CA VAL B 265 -22.11 -18.57 -16.52
C VAL B 265 -23.28 -19.53 -16.53
N ASP B 266 -22.97 -20.80 -16.31
CA ASP B 266 -23.94 -21.85 -16.23
C ASP B 266 -25.04 -21.48 -15.23
N ILE B 267 -24.63 -20.98 -14.08
CA ILE B 267 -25.64 -20.66 -13.07
C ILE B 267 -26.20 -19.24 -13.09
N GLY B 268 -25.74 -18.42 -14.05
CA GLY B 268 -26.18 -17.05 -14.22
C GLY B 268 -25.76 -16.16 -13.06
N TYR B 269 -24.57 -16.44 -12.58
CA TYR B 269 -24.07 -15.69 -11.45
C TYR B 269 -23.79 -14.23 -11.74
N ARG B 270 -24.07 -13.45 -10.74
CA ARG B 270 -23.80 -12.05 -10.90
C ARG B 270 -23.16 -11.47 -9.64
N GLY B 271 -22.06 -10.78 -9.80
CA GLY B 271 -21.33 -10.16 -8.68
C GLY B 271 -20.05 -10.90 -8.33
N ALA B 272 -19.56 -10.66 -7.14
CA ALA B 272 -18.39 -11.33 -6.58
C ALA B 272 -18.84 -12.60 -5.84
N GLY B 273 -18.05 -13.64 -5.91
CA GLY B 273 -18.36 -14.90 -5.23
C GLY B 273 -17.04 -15.68 -5.07
N THR B 274 -17.04 -16.69 -4.24
CA THR B 274 -15.84 -17.47 -4.02
C THR B 274 -16.18 -18.95 -4.04
N PHE B 275 -15.40 -19.75 -4.75
CA PHE B 275 -15.57 -21.21 -4.76
C PHE B 275 -14.51 -21.79 -3.83
N GLU B 276 -14.98 -22.42 -2.76
CA GLU B 276 -14.09 -23.02 -1.81
C GLU B 276 -13.91 -24.50 -2.08
N PHE B 277 -12.64 -24.91 -2.02
CA PHE B 277 -12.24 -26.28 -2.27
C PHE B 277 -11.33 -26.83 -1.22
N LEU B 278 -11.38 -28.15 -1.07
CA LEU B 278 -10.39 -28.82 -0.30
C LEU B 278 -9.35 -29.22 -1.37
N PHE B 279 -8.08 -29.09 -1.06
CA PHE B 279 -7.04 -29.41 -2.01
C PHE B 279 -6.10 -30.44 -1.47
N GLU B 280 -5.90 -31.49 -2.23
CA GLU B 280 -5.04 -32.53 -1.76
C GLU B 280 -4.55 -33.38 -2.91
N ASN B 281 -3.26 -33.57 -2.93
CA ASN B 281 -2.59 -34.37 -3.94
C ASN B 281 -2.81 -33.89 -5.37
N GLY B 282 -2.78 -32.58 -5.54
CA GLY B 282 -2.98 -31.97 -6.84
C GLY B 282 -4.44 -31.88 -7.23
N GLU B 283 -5.31 -32.30 -6.34
CA GLU B 283 -6.69 -32.23 -6.68
C GLU B 283 -7.47 -31.38 -5.73
N PHE B 284 -8.53 -30.84 -6.31
CA PHE B 284 -9.49 -29.98 -5.67
C PHE B 284 -10.81 -30.69 -5.48
N TYR B 285 -11.48 -30.36 -4.37
CA TYR B 285 -12.80 -30.89 -4.05
C TYR B 285 -13.69 -29.79 -3.54
N PHE B 286 -14.72 -29.53 -4.32
CA PHE B 286 -15.64 -28.48 -4.00
C PHE B 286 -16.28 -28.67 -2.66
N ILE B 287 -16.28 -27.61 -1.90
CA ILE B 287 -16.91 -27.62 -0.58
C ILE B 287 -18.15 -26.75 -0.68
N GLU B 288 -17.97 -25.48 -1.07
CA GLU B 288 -19.13 -24.64 -1.22
C GLU B 288 -18.80 -23.38 -1.88
N MET B 289 -19.85 -22.68 -2.25
CA MET B 289 -19.64 -21.39 -2.84
C MET B 289 -20.18 -20.26 -1.95
N ASN B 290 -19.40 -19.25 -1.68
CA ASN B 290 -19.87 -18.08 -0.93
C ASN B 290 -20.38 -17.08 -1.95
N THR B 291 -21.69 -16.84 -1.86
CA THR B 291 -22.33 -15.97 -2.82
C THR B 291 -22.33 -14.56 -2.36
N ARG B 292 -21.13 -14.06 -2.03
CA ARG B 292 -20.90 -12.72 -1.52
C ARG B 292 -19.43 -12.41 -1.39
N ILE B 293 -19.13 -11.20 -0.93
CA ILE B 293 -17.76 -10.82 -0.64
C ILE B 293 -17.26 -11.56 0.64
N GLN B 294 -15.98 -11.83 0.70
CA GLN B 294 -15.43 -12.48 1.87
C GLN B 294 -14.58 -11.52 2.72
N VAL B 295 -14.34 -11.96 3.93
CA VAL B 295 -13.53 -11.19 4.84
C VAL B 295 -12.18 -10.95 4.23
N GLU B 296 -11.61 -12.02 3.74
CA GLU B 296 -10.24 -12.03 3.21
C GLU B 296 -9.99 -11.53 1.75
N HIS B 297 -10.97 -10.87 1.15
CA HIS B 297 -10.78 -10.35 -0.18
C HIS B 297 -9.56 -9.45 -0.35
N PRO B 298 -9.07 -8.75 0.72
CA PRO B 298 -7.95 -7.88 0.49
C PRO B 298 -6.71 -8.54 -0.06
N VAL B 299 -6.43 -9.79 0.32
CA VAL B 299 -5.18 -10.39 -0.13
C VAL B 299 -5.17 -10.48 -1.65
N THR B 300 -6.33 -10.73 -2.25
CA THR B 300 -6.47 -10.81 -3.68
C THR B 300 -6.28 -9.45 -4.33
N GLU B 301 -6.80 -8.40 -3.69
CA GLU B 301 -6.64 -7.08 -4.26
C GLU B 301 -5.16 -6.71 -4.37
N MET B 302 -4.39 -7.09 -3.34
CA MET B 302 -2.97 -6.77 -3.33
C MET B 302 -2.17 -7.41 -4.47
N ILE B 303 -2.40 -8.68 -4.79
CA ILE B 303 -1.61 -9.37 -5.79
C ILE B 303 -2.08 -9.19 -7.22
N THR B 304 -3.31 -8.72 -7.40
CA THR B 304 -3.89 -8.49 -8.74
C THR B 304 -4.12 -7.00 -9.02
N GLY B 305 -4.18 -6.18 -7.97
CA GLY B 305 -4.43 -4.78 -8.16
C GLY B 305 -5.88 -4.46 -8.41
N VAL B 306 -6.78 -5.45 -8.41
CA VAL B 306 -8.20 -5.17 -8.67
C VAL B 306 -8.90 -4.83 -7.35
N ASP B 307 -9.69 -3.74 -7.35
CA ASP B 307 -10.45 -3.35 -6.20
C ASP B 307 -11.78 -4.09 -6.31
N LEU B 308 -12.01 -5.08 -5.47
CA LEU B 308 -13.22 -5.89 -5.61
C LEU B 308 -14.54 -5.23 -5.26
N ILE B 309 -14.51 -4.33 -4.29
CA ILE B 309 -15.72 -3.66 -3.92
C ILE B 309 -16.15 -2.75 -5.09
N LYS B 310 -15.20 -2.03 -5.69
CA LYS B 310 -15.57 -1.17 -6.78
C LYS B 310 -16.19 -1.93 -7.93
N GLU B 311 -15.66 -3.14 -8.21
CA GLU B 311 -16.23 -3.94 -9.27
C GLU B 311 -17.62 -4.34 -8.92
N GLN B 312 -17.83 -4.68 -7.62
CA GLN B 312 -19.17 -5.04 -7.20
C GLN B 312 -20.11 -3.92 -7.61
N LEU B 313 -19.74 -2.74 -7.17
CA LEU B 313 -20.55 -1.57 -7.46
C LEU B 313 -20.77 -1.32 -8.93
N ARG B 314 -19.76 -1.53 -9.72
CA ARG B 314 -19.95 -1.33 -11.13
C ARG B 314 -20.92 -2.32 -11.72
N ILE B 315 -20.75 -3.59 -11.39
CA ILE B 315 -21.59 -4.61 -11.92
C ILE B 315 -23.01 -4.29 -11.56
N ALA B 316 -23.21 -3.78 -10.34
CA ALA B 316 -24.54 -3.39 -9.83
C ALA B 316 -25.24 -2.27 -10.63
N ALA B 317 -24.42 -1.31 -11.10
CA ALA B 317 -24.79 -0.15 -11.89
C ALA B 317 -25.10 -0.53 -13.34
N GLY B 318 -25.08 -1.85 -13.61
CA GLY B 318 -25.39 -2.45 -14.90
C GLY B 318 -24.21 -2.50 -15.85
N GLN B 319 -23.05 -2.09 -15.35
CA GLN B 319 -21.88 -2.12 -16.21
C GLN B 319 -21.31 -3.48 -16.44
N PRO B 320 -20.81 -3.63 -17.65
CA PRO B 320 -20.24 -4.88 -18.02
C PRO B 320 -18.91 -5.06 -17.31
N LEU B 321 -18.37 -6.27 -17.39
CA LEU B 321 -17.08 -6.56 -16.75
C LEU B 321 -16.00 -5.79 -17.47
N SER B 322 -15.35 -4.90 -16.73
CA SER B 322 -14.28 -4.05 -17.26
C SER B 322 -12.97 -4.77 -17.55
N ILE B 323 -12.75 -5.86 -16.86
CA ILE B 323 -11.53 -6.62 -16.95
C ILE B 323 -11.64 -7.90 -17.73
N LYS B 324 -10.59 -8.14 -18.50
CA LYS B 324 -10.49 -9.35 -19.29
C LYS B 324 -9.51 -10.28 -18.60
N GLN B 325 -9.87 -11.56 -18.63
CA GLN B 325 -9.06 -12.54 -17.97
C GLN B 325 -7.57 -12.43 -18.20
N GLU B 326 -7.25 -12.23 -19.46
CA GLU B 326 -5.87 -12.15 -19.91
C GLU B 326 -5.19 -10.97 -19.34
N GLU B 327 -6.01 -10.09 -18.77
CA GLU B 327 -5.51 -8.90 -18.12
C GLU B 327 -5.25 -9.13 -16.62
N VAL B 328 -5.70 -10.25 -16.10
CA VAL B 328 -5.53 -10.62 -14.70
C VAL B 328 -4.13 -11.26 -14.50
N HIS B 329 -3.28 -10.54 -13.73
CA HIS B 329 -1.90 -10.91 -13.41
C HIS B 329 -1.59 -10.90 -11.96
N VAL B 330 -1.06 -12.01 -11.57
CA VAL B 330 -0.69 -12.19 -10.20
C VAL B 330 0.72 -11.75 -9.96
N ARG B 331 0.88 -10.81 -9.07
CA ARG B 331 2.23 -10.39 -8.74
C ARG B 331 2.41 -10.24 -7.25
N GLY B 332 3.55 -10.75 -6.79
CA GLY B 332 3.96 -10.68 -5.41
C GLY B 332 3.18 -11.66 -4.56
N HIS B 333 3.18 -11.41 -3.27
CA HIS B 333 2.51 -12.29 -2.35
C HIS B 333 1.91 -11.44 -1.23
N ALA B 334 0.75 -11.82 -0.75
CA ALA B 334 0.12 -11.06 0.35
C ALA B 334 -0.38 -11.98 1.46
N VAL B 335 -0.27 -11.53 2.73
CA VAL B 335 -0.72 -12.32 3.89
C VAL B 335 -1.65 -11.51 4.72
N GLU B 336 -2.67 -12.19 5.29
CA GLU B 336 -3.61 -11.49 6.15
C GLU B 336 -3.76 -12.15 7.51
N CYS B 337 -3.65 -11.32 8.53
CA CYS B 337 -3.89 -11.75 9.89
C CYS B 337 -5.11 -10.99 10.42
N ARG B 338 -6.10 -11.79 10.85
CA ARG B 338 -7.30 -11.27 11.48
C ARG B 338 -6.99 -10.90 12.96
N ILE B 339 -7.42 -9.72 13.34
CA ILE B 339 -7.26 -9.25 14.69
C ILE B 339 -8.62 -9.27 15.42
N ASN B 340 -8.67 -10.08 16.47
CA ASN B 340 -9.87 -10.31 17.27
C ASN B 340 -9.68 -9.92 18.72
N ALA B 341 -10.77 -9.38 19.29
CA ALA B 341 -10.81 -9.00 20.70
C ALA B 341 -11.19 -10.27 21.46
N GLU B 342 -10.25 -11.07 21.83
CA GLU B 342 -10.60 -12.28 22.52
C GLU B 342 -9.41 -12.69 23.29
N ASP B 343 -9.71 -13.43 24.33
CA ASP B 343 -8.66 -13.92 25.17
C ASP B 343 -7.92 -15.03 24.45
N PRO B 344 -6.66 -14.79 24.18
CA PRO B 344 -5.85 -15.73 23.45
C PRO B 344 -5.72 -17.11 24.08
N ASN B 345 -5.92 -17.26 25.43
CA ASN B 345 -5.82 -18.59 26.05
C ASN B 345 -7.18 -19.33 26.29
N THR B 346 -8.26 -18.58 26.41
CA THR B 346 -9.61 -19.10 26.61
C THR B 346 -10.37 -19.02 25.30
N PHE B 347 -10.01 -17.99 24.54
CA PHE B 347 -10.63 -17.73 23.27
C PHE B 347 -12.01 -17.17 23.44
N LEU B 348 -12.20 -16.59 24.62
CA LEU B 348 -13.47 -15.99 25.05
C LEU B 348 -13.47 -14.55 24.56
N PRO B 349 -14.61 -14.03 24.01
CA PRO B 349 -14.68 -12.66 23.52
C PRO B 349 -14.09 -11.71 24.54
N SER B 350 -13.63 -10.57 24.12
CA SER B 350 -13.07 -9.68 25.11
C SER B 350 -13.53 -8.27 24.84
N PRO B 351 -14.83 -7.98 25.01
CA PRO B 351 -15.32 -6.65 24.71
C PRO B 351 -14.75 -5.62 25.69
N GLY B 352 -14.83 -4.36 25.34
CA GLY B 352 -14.28 -3.40 26.22
C GLY B 352 -13.87 -2.09 25.53
N LYS B 353 -13.26 -1.21 26.34
CA LYS B 353 -12.79 0.07 25.86
C LYS B 353 -11.32 0.05 25.49
N ILE B 354 -11.03 0.48 24.25
CA ILE B 354 -9.67 0.55 23.77
C ILE B 354 -9.13 1.88 24.26
N THR B 355 -8.21 1.73 25.17
CA THR B 355 -7.59 2.83 25.84
C THR B 355 -6.44 3.51 25.11
N ARG B 356 -5.70 2.71 24.36
CA ARG B 356 -4.53 3.13 23.59
C ARG B 356 -4.43 2.31 22.32
N PHE B 357 -4.28 3.01 21.21
CA PHE B 357 -4.24 2.39 19.90
C PHE B 357 -3.23 3.05 18.95
N HIS B 358 -2.43 2.21 18.35
CA HIS B 358 -1.48 2.62 17.35
C HIS B 358 -1.46 1.61 16.20
N ALA B 359 -1.77 2.14 15.03
CA ALA B 359 -1.78 1.30 13.86
C ALA B 359 -0.38 1.24 13.27
N PRO B 360 -0.03 0.10 12.66
CA PRO B 360 1.28 -0.05 12.00
C PRO B 360 1.24 0.65 10.63
N GLY B 361 2.39 1.02 10.06
CA GLY B 361 2.42 1.69 8.77
C GLY B 361 3.61 1.25 7.96
N GLY B 362 3.85 1.89 6.80
CA GLY B 362 4.99 1.46 5.98
C GLY B 362 4.66 0.86 4.62
N PHE B 363 5.72 0.59 3.85
CA PHE B 363 5.59 0.05 2.51
C PHE B 363 5.06 -1.36 2.55
N GLY B 364 3.93 -1.56 1.88
CA GLY B 364 3.30 -2.85 1.78
C GLY B 364 2.43 -3.24 2.94
N VAL B 365 2.16 -2.27 3.81
CA VAL B 365 1.36 -2.53 4.98
C VAL B 365 -0.04 -1.93 4.80
N ARG B 366 -1.09 -2.75 4.88
CA ARG B 366 -2.45 -2.33 4.70
C ARG B 366 -3.23 -2.68 5.97
N TRP B 367 -3.87 -1.68 6.54
CA TRP B 367 -4.62 -1.85 7.75
C TRP B 367 -6.06 -1.55 7.46
N GLU B 368 -6.89 -2.55 7.76
CA GLU B 368 -8.31 -2.41 7.56
C GLU B 368 -9.04 -2.57 8.90
N SER B 369 -9.51 -1.45 9.47
CA SER B 369 -10.20 -1.52 10.78
C SER B 369 -10.95 -0.27 11.09
N HIS B 370 -12.08 -0.40 11.83
CA HIS B 370 -12.85 0.77 12.26
C HIS B 370 -12.44 1.22 13.66
N ILE B 371 -11.60 0.42 14.31
CA ILE B 371 -11.29 0.81 15.65
C ILE B 371 -10.46 2.06 15.80
N TYR B 372 -10.61 2.70 16.95
CA TYR B 372 -9.86 3.91 17.27
C TYR B 372 -9.72 3.99 18.77
N ALA B 373 -8.76 4.79 19.27
CA ALA B 373 -8.52 4.92 20.72
C ALA B 373 -9.72 5.52 21.39
N GLY B 374 -10.24 4.85 22.41
CA GLY B 374 -11.43 5.34 23.11
C GLY B 374 -12.72 4.76 22.58
N TYR B 375 -12.57 3.83 21.63
CA TYR B 375 -13.71 3.19 21.06
C TYR B 375 -14.06 2.01 21.93
N THR B 376 -15.36 1.77 22.05
CA THR B 376 -15.73 0.63 22.87
C THR B 376 -16.29 -0.47 22.01
N VAL B 377 -15.69 -1.65 22.15
CA VAL B 377 -16.09 -2.83 21.42
C VAL B 377 -17.30 -3.43 22.13
N PRO B 378 -18.50 -3.36 21.50
CA PRO B 378 -19.70 -3.92 22.09
C PRO B 378 -19.57 -5.43 22.23
N PRO B 379 -20.40 -6.07 23.05
CA PRO B 379 -20.32 -7.52 23.25
C PRO B 379 -21.31 -8.31 22.40
N TYR B 380 -22.22 -7.57 21.81
CA TYR B 380 -23.30 -8.09 21.00
C TYR B 380 -22.90 -8.68 19.68
N TYR B 381 -21.79 -8.25 19.15
CA TYR B 381 -21.46 -8.71 17.80
C TYR B 381 -20.31 -9.68 17.72
N ASP B 382 -19.73 -9.89 16.51
CA ASP B 382 -18.62 -10.82 16.39
C ASP B 382 -17.36 -10.18 16.96
N SER B 383 -16.32 -10.94 17.30
CA SER B 383 -15.08 -10.43 17.87
C SER B 383 -14.01 -9.88 16.91
N MET B 384 -14.21 -9.89 15.59
CA MET B 384 -13.14 -9.40 14.75
C MET B 384 -13.17 -7.91 14.68
N ILE B 385 -12.02 -7.31 15.06
CA ILE B 385 -11.92 -5.84 15.10
C ILE B 385 -11.04 -5.22 14.02
N GLY B 386 -10.23 -6.02 13.36
CA GLY B 386 -9.39 -5.47 12.29
C GLY B 386 -8.63 -6.55 11.50
N LYS B 387 -8.06 -6.12 10.40
CA LYS B 387 -7.31 -7.06 9.55
C LYS B 387 -6.04 -6.38 9.16
N LEU B 388 -4.97 -7.10 9.37
CA LEU B 388 -3.71 -6.53 9.00
C LEU B 388 -3.17 -7.29 7.77
N ILE B 389 -2.90 -6.58 6.67
CA ILE B 389 -2.47 -7.24 5.41
C ILE B 389 -1.13 -6.74 4.95
N CYS B 390 -0.16 -7.61 4.75
CA CYS B 390 1.15 -7.21 4.30
C CYS B 390 1.44 -7.83 2.95
N TYR B 391 2.06 -7.05 2.08
CA TYR B 391 2.40 -7.48 0.73
C TYR B 391 3.89 -7.36 0.50
N GLY B 392 4.45 -8.27 -0.29
CA GLY B 392 5.86 -8.20 -0.65
C GLY B 392 6.02 -8.77 -2.03
N GLU B 393 7.23 -8.67 -2.55
CA GLU B 393 7.48 -9.27 -3.87
C GLU B 393 7.47 -10.80 -3.83
N ASN B 394 7.62 -11.30 -2.63
CA ASN B 394 7.60 -12.72 -2.43
C ASN B 394 7.12 -12.96 -1.04
N ARG B 395 6.80 -14.22 -0.77
CA ARG B 395 6.28 -14.71 0.49
C ARG B 395 7.11 -14.39 1.69
N ASP B 396 8.40 -14.51 1.55
CA ASP B 396 9.31 -14.21 2.67
C ASP B 396 9.25 -12.77 3.02
N VAL B 397 9.15 -11.92 1.99
CA VAL B 397 9.07 -10.49 2.23
C VAL B 397 7.76 -10.16 2.96
N ALA B 398 6.63 -10.67 2.44
CA ALA B 398 5.30 -10.47 2.99
C ALA B 398 5.30 -10.86 4.48
N ILE B 399 5.88 -12.01 4.73
CA ILE B 399 5.98 -12.51 6.09
C ILE B 399 6.83 -11.63 6.96
N ALA B 400 7.97 -11.24 6.45
CA ALA B 400 8.81 -10.34 7.26
C ALA B 400 8.09 -9.05 7.57
N ARG B 401 7.34 -8.53 6.61
CA ARG B 401 6.66 -7.30 6.89
C ARG B 401 5.59 -7.53 7.94
N MET B 402 4.94 -8.67 7.86
CA MET B 402 3.87 -8.92 8.80
C MET B 402 4.37 -8.88 10.24
N LYS B 403 5.50 -9.58 10.42
CA LYS B 403 6.13 -9.61 11.75
C LYS B 403 6.41 -8.22 12.26
N ASN B 404 7.07 -7.42 11.43
CA ASN B 404 7.30 -6.08 11.91
C ASN B 404 6.00 -5.37 12.26
N ALA B 405 5.01 -5.51 11.37
CA ALA B 405 3.82 -4.79 11.56
C ALA B 405 3.15 -5.16 12.86
N LEU B 406 3.10 -6.45 13.08
CA LEU B 406 2.49 -6.94 14.32
C LEU B 406 3.18 -6.33 15.51
N GLN B 407 4.48 -6.13 15.46
CA GLN B 407 5.11 -5.49 16.58
C GLN B 407 4.78 -4.03 16.76
N GLU B 408 4.39 -3.33 15.71
CA GLU B 408 4.03 -1.93 15.90
C GLU B 408 2.59 -1.70 16.41
N LEU B 409 1.76 -2.68 16.19
CA LEU B 409 0.40 -2.52 16.55
C LEU B 409 0.23 -2.51 18.05
N ILE B 410 -0.52 -1.54 18.47
CA ILE B 410 -0.89 -1.39 19.85
C ILE B 410 -2.37 -1.28 20.02
N ILE B 411 -2.83 -2.14 20.90
CA ILE B 411 -4.21 -2.13 21.23
C ILE B 411 -4.31 -2.44 22.69
N ASP B 412 -4.50 -1.43 23.50
CA ASP B 412 -4.64 -1.65 24.91
C ASP B 412 -6.10 -1.47 25.39
N GLY B 413 -6.42 -2.17 26.48
CA GLY B 413 -7.76 -2.01 27.01
C GLY B 413 -8.58 -3.27 27.03
N ILE B 414 -8.26 -4.13 26.06
CA ILE B 414 -8.90 -5.41 25.85
C ILE B 414 -7.90 -6.50 25.49
N LYS B 415 -8.31 -7.75 25.44
CA LYS B 415 -7.38 -8.78 25.07
C LYS B 415 -7.61 -9.04 23.62
N THR B 416 -6.52 -9.36 22.92
CA THR B 416 -6.58 -9.60 21.49
C THR B 416 -5.74 -10.81 21.23
N ASN B 417 -5.75 -11.25 19.99
CA ASN B 417 -4.99 -12.40 19.58
C ASN B 417 -3.65 -12.05 18.86
N VAL B 418 -3.20 -10.82 19.06
CA VAL B 418 -1.98 -10.34 18.44
C VAL B 418 -0.77 -11.25 18.65
N ASP B 419 -0.62 -11.78 19.86
CA ASP B 419 0.47 -12.66 20.27
C ASP B 419 0.41 -13.99 19.61
N LEU B 420 -0.80 -14.44 19.44
CA LEU B 420 -0.91 -15.68 18.72
C LEU B 420 -0.46 -15.50 17.25
N GLN B 421 -0.96 -14.40 16.63
CA GLN B 421 -0.63 -14.07 15.27
C GLN B 421 0.88 -13.99 15.17
N ILE B 422 1.50 -13.35 16.10
CA ILE B 422 2.93 -13.31 16.01
C ILE B 422 3.53 -14.68 16.16
N ARG B 423 2.96 -15.55 16.97
CA ARG B 423 3.55 -16.86 17.05
C ARG B 423 3.39 -17.61 15.76
N ILE B 424 2.29 -17.41 15.05
CA ILE B 424 2.14 -18.14 13.79
C ILE B 424 3.16 -17.67 12.78
N MET B 425 3.42 -16.37 12.77
CA MET B 425 4.35 -15.87 11.79
C MET B 425 5.72 -16.46 12.02
N ASN B 426 5.96 -16.78 13.27
CA ASN B 426 7.25 -17.32 13.70
C ASN B 426 7.36 -18.86 13.59
N ASP B 427 6.28 -19.54 13.17
CA ASP B 427 6.27 -21.01 13.01
C ASP B 427 7.02 -21.42 11.76
N GLU B 428 7.93 -22.37 11.95
CA GLU B 428 8.77 -22.91 10.89
C GLU B 428 7.98 -23.49 9.78
N ASN B 429 6.99 -24.27 10.17
CA ASN B 429 6.10 -24.89 9.23
C ASN B 429 5.35 -23.90 8.37
N PHE B 430 4.86 -22.84 9.06
CA PHE B 430 4.14 -21.79 8.38
C PHE B 430 5.07 -21.12 7.39
N GLN B 431 6.29 -20.82 7.86
CA GLN B 431 7.30 -20.19 7.08
C GLN B 431 7.72 -20.99 5.89
N HIS B 432 7.56 -22.31 5.96
CA HIS B 432 7.91 -23.20 4.88
C HIS B 432 6.74 -23.28 3.89
N GLY B 433 5.51 -23.16 4.40
CA GLY B 433 4.31 -23.15 3.53
C GLY B 433 3.66 -24.51 3.36
N GLY B 434 2.36 -24.53 3.05
CA GLY B 434 1.71 -25.83 2.82
C GLY B 434 1.01 -26.48 3.99
N THR B 435 0.89 -25.80 5.17
CA THR B 435 0.23 -26.40 6.30
C THR B 435 -1.23 -26.63 6.01
N ASN B 436 -1.75 -27.69 6.60
CA ASN B 436 -3.09 -28.11 6.36
C ASN B 436 -4.08 -27.60 7.33
N ILE B 437 -5.32 -27.94 7.06
CA ILE B 437 -6.39 -27.46 7.88
C ILE B 437 -6.31 -27.83 9.34
N HIS B 438 -5.52 -28.84 9.62
CA HIS B 438 -5.48 -29.27 11.01
C HIS B 438 -4.37 -28.73 11.84
N TYR B 439 -3.41 -28.17 11.16
CA TYR B 439 -2.24 -27.73 11.82
C TYR B 439 -2.44 -26.80 13.00
N LEU B 440 -3.30 -25.82 12.84
CA LEU B 440 -3.38 -24.86 13.88
C LEU B 440 -3.85 -25.42 15.16
N GLU B 441 -4.96 -26.12 15.08
CA GLU B 441 -5.55 -26.71 16.27
C GLU B 441 -4.57 -27.64 16.85
N LYS B 442 -3.91 -28.29 16.00
CA LYS B 442 -2.94 -29.18 16.51
C LYS B 442 -1.83 -28.37 17.21
N LYS B 443 -1.22 -27.35 16.54
CA LYS B 443 -0.19 -26.55 17.19
C LYS B 443 -0.65 -26.01 18.53
N LEU B 444 -1.94 -25.71 18.64
CA LEU B 444 -2.49 -25.19 19.88
C LEU B 444 -2.86 -26.28 20.87
N GLY B 445 -3.10 -27.50 20.38
CA GLY B 445 -3.51 -28.58 21.27
C GLY B 445 -5.01 -28.47 21.55
N LEU B 446 -5.72 -28.29 20.45
CA LEU B 446 -7.16 -28.13 20.40
C LEU B 446 -7.78 -29.42 19.84
N GLN B 447 -6.88 -30.38 19.62
CA GLN B 447 -7.31 -31.68 19.11
C GLN B 447 -8.13 -32.47 20.20
N GLU B 448 -7.74 -32.29 21.50
CA GLU B 448 -8.42 -32.88 22.69
C GLU B 448 -9.82 -32.27 22.88
P PO4 C . 13.83 16.69 -0.47
O1 PO4 C . 14.39 15.44 0.12
O2 PO4 C . 15.01 17.50 -0.75
O3 PO4 C . 13.16 16.37 -1.73
O4 PO4 C . 12.84 17.34 0.37
P PO4 D . -15.29 -15.60 5.34
O1 PO4 D . -16.05 -16.71 4.70
O2 PO4 D . -15.44 -15.65 6.81
O3 PO4 D . -13.87 -15.86 5.03
O4 PO4 D . -15.75 -14.28 4.79
#